data_1EX1
#
_entry.id   1EX1
#
_cell.length_a   102.090
_cell.length_b   102.090
_cell.length_c   184.500
_cell.angle_alpha   90.00
_cell.angle_beta   90.00
_cell.angle_gamma   90.00
#
_symmetry.space_group_name_H-M   'P 43 21 2'
#
loop_
_entity.id
_entity.type
_entity.pdbx_description
1 polymer 'PROTEIN (BETA-D-GLUCAN EXOHYDROLASE ISOENZYME EXO1)'
2 branched 2-acetamido-2-deoxy-beta-D-glucopyranose-(1-2)-alpha-D-mannopyranose-(1-6)-alpha-D-mannopyranose-(1-4)-2-acetamido-2-deoxy-beta-D-glucopyranose-(1-4)-[alpha-D-fucopyranose-(1-3)]2-acetamido-2-deoxy-beta-D-glucopyranose
3 non-polymer 2-acetamido-2-deoxy-beta-D-glucopyranose
4 non-polymer alpha-D-glucopyranose
5 water water
#
_entity_poly.entity_id   1
_entity_poly.type   'polypeptide(L)'
_entity_poly.pdbx_seq_one_letter_code
;DYVLYKDATKPVEDRVADLLGRMTLAEKIGQMTQIERLVATPDVLRDNFIGSLLSGGGSVPRKGATAKEWQDMVDGFQKA
CMSTRLGIPMIYGIDAVHGQNNVYGATIFPHNVGLGATRDPYLVKRIGEATALEVRATGIQYAFAPCIAVCRDPRWGRCY
ESYSEDRRIVQSMTELIPGLQGDVPKDFTSGMPFVAGKNKVAACAKHFVGDGGTVDGINENNTIINREGLMNIHMPAYKN
AMDKGVSTVMISYSSWNGVKMHANQDLVTGYLKDTLKFKGFVISDWEGIDRITTPAGSDYSYSVKASILAGLDMIMVPNK
YQQFISILTGHVNGGVIPMSRIDDAVTRILRVKFTMGLFENPYADPAMAEQLGKQEHRDLAREAARKSLVLLKNGKTSTD
APLLPLPKKAPKILVAGSHADNLGYQCGGWTIEWQGDTGRTTVGTTILEAVKAAVDPSTVVVFAENPDAEFVKSGGFSYA
IVAVGEHPYTETKGDNLNLTIPEPGLSTVQAVCGGVRCATVLISGRPVVVQPLLAASDALVAAWLPGSEGQGVTDALFGD
FGFTGRLPRTWFKSVDQLPMNVGDAHYDPLFRLGYGLTTNATKKY
;
_entity_poly.pdbx_strand_id   A
#
loop_
_chem_comp.id
_chem_comp.type
_chem_comp.name
_chem_comp.formula
FCA D-saccharide, alpha linking alpha-D-fucopyranose 'C6 H12 O5'
GLC D-saccharide, alpha linking alpha-D-glucopyranose 'C6 H12 O6'
MAN D-saccharide, alpha linking alpha-D-mannopyranose 'C6 H12 O6'
NAG D-saccharide, beta linking 2-acetamido-2-deoxy-beta-D-glucopyranose 'C8 H15 N O6'
#
# COMPACT_ATOMS: atom_id res chain seq x y z
N ASP A 1 -34.81 -24.82 -18.09
CA ASP A 1 -35.55 -23.54 -18.03
C ASP A 1 -34.65 -22.33 -17.80
N TYR A 2 -35.26 -21.23 -17.39
CA TYR A 2 -34.60 -19.92 -17.35
C TYR A 2 -33.71 -19.89 -16.11
N VAL A 3 -32.52 -19.33 -16.23
CA VAL A 3 -31.66 -19.30 -15.04
C VAL A 3 -31.44 -17.85 -14.61
N LEU A 4 -32.08 -17.41 -13.53
CA LEU A 4 -32.14 -15.97 -13.24
C LEU A 4 -30.75 -15.46 -12.89
N TYR A 5 -29.91 -16.22 -12.17
CA TYR A 5 -28.56 -15.73 -11.87
C TYR A 5 -27.71 -15.42 -13.09
N LYS A 6 -27.96 -16.06 -14.23
CA LYS A 6 -27.24 -15.74 -15.46
C LYS A 6 -27.85 -14.52 -16.16
N ASP A 7 -29.00 -14.00 -15.74
CA ASP A 7 -29.61 -12.88 -16.45
C ASP A 7 -29.01 -11.56 -15.97
N ALA A 8 -28.21 -10.91 -16.82
CA ALA A 8 -27.60 -9.63 -16.50
C ALA A 8 -28.58 -8.50 -16.31
N THR A 9 -29.86 -8.60 -16.63
CA THR A 9 -30.76 -7.47 -16.37
C THR A 9 -31.36 -7.51 -15.01
N LYS A 10 -31.12 -8.47 -14.11
CA LYS A 10 -31.83 -8.57 -12.86
C LYS A 10 -31.04 -7.86 -11.76
N PRO A 11 -31.74 -7.38 -10.77
CA PRO A 11 -31.08 -6.85 -9.58
C PRO A 11 -30.09 -7.87 -9.04
N VAL A 12 -28.92 -7.32 -8.67
CA VAL A 12 -27.93 -8.03 -7.89
C VAL A 12 -28.46 -8.92 -6.77
N GLU A 13 -29.32 -8.48 -5.88
CA GLU A 13 -29.77 -9.31 -4.77
C GLU A 13 -30.57 -10.50 -5.27
N ASP A 14 -31.27 -10.40 -6.38
CA ASP A 14 -32.02 -11.53 -6.92
C ASP A 14 -31.07 -12.53 -7.55
N ARG A 15 -30.03 -12.07 -8.22
CA ARG A 15 -29.10 -13.00 -8.84
C ARG A 15 -28.37 -13.75 -7.72
N VAL A 16 -28.10 -13.10 -6.59
CA VAL A 16 -27.31 -13.71 -5.53
C VAL A 16 -28.17 -14.83 -4.90
N ALA A 17 -29.40 -14.46 -4.58
CA ALA A 17 -30.31 -15.44 -3.93
C ALA A 17 -30.56 -16.62 -4.85
N ASP A 18 -30.74 -16.37 -6.15
CA ASP A 18 -31.02 -17.46 -7.09
C ASP A 18 -29.84 -18.42 -7.15
N LEU A 19 -28.58 -17.91 -7.20
CA LEU A 19 -27.40 -18.78 -7.36
C LEU A 19 -27.17 -19.52 -6.04
N LEU A 20 -27.34 -18.74 -4.93
CA LEU A 20 -26.98 -19.32 -3.64
C LEU A 20 -27.86 -20.55 -3.39
N GLY A 21 -29.15 -20.46 -3.76
CA GLY A 21 -30.10 -21.54 -3.56
C GLY A 21 -29.77 -22.73 -4.44
N ARG A 22 -28.87 -22.65 -5.40
CA ARG A 22 -28.44 -23.84 -6.11
C ARG A 22 -27.19 -24.48 -5.60
N MET A 23 -26.43 -23.90 -4.66
CA MET A 23 -25.03 -24.32 -4.54
C MET A 23 -24.99 -25.54 -3.63
N THR A 24 -24.14 -26.55 -3.85
CA THR A 24 -23.90 -27.46 -2.76
C THR A 24 -22.89 -26.89 -1.75
N LEU A 25 -22.68 -27.69 -0.70
CA LEU A 25 -21.83 -27.37 0.40
C LEU A 25 -20.39 -27.24 -0.11
N ALA A 26 -19.94 -28.14 -0.97
CA ALA A 26 -18.61 -28.03 -1.57
C ALA A 26 -18.47 -26.73 -2.36
N GLU A 27 -19.53 -26.33 -3.09
CA GLU A 27 -19.45 -25.18 -3.96
C GLU A 27 -19.39 -23.94 -3.09
N LYS A 28 -20.18 -23.85 -2.02
CA LYS A 28 -20.14 -22.78 -1.05
C LYS A 28 -18.79 -22.64 -0.34
N ILE A 29 -18.22 -23.73 0.13
CA ILE A 29 -16.91 -23.61 0.79
C ILE A 29 -15.85 -23.20 -0.18
N GLY A 30 -15.99 -23.64 -1.45
CA GLY A 30 -15.05 -23.26 -2.49
C GLY A 30 -15.05 -21.71 -2.70
N GLN A 31 -16.20 -21.07 -2.73
CA GLN A 31 -16.26 -19.63 -2.77
C GLN A 31 -15.51 -18.94 -1.64
N MET A 32 -15.51 -19.50 -0.41
CA MET A 32 -14.82 -18.89 0.69
C MET A 32 -13.30 -19.10 0.68
N THR A 33 -12.75 -19.81 -0.29
CA THR A 33 -11.36 -20.24 -0.28
C THR A 33 -10.53 -19.41 -1.26
N GLN A 34 -9.49 -18.71 -0.78
CA GLN A 34 -8.65 -17.96 -1.69
C GLN A 34 -7.30 -18.67 -1.70
N ILE A 35 -6.69 -18.96 -2.85
CA ILE A 35 -5.39 -19.64 -2.84
C ILE A 35 -4.38 -18.88 -3.72
N GLU A 36 -3.10 -19.03 -3.41
CA GLU A 36 -2.00 -18.43 -4.10
C GLU A 36 -1.85 -19.07 -5.47
N ARG A 37 -1.52 -18.27 -6.49
CA ARG A 37 -1.34 -18.85 -7.82
C ARG A 37 -0.29 -19.95 -7.88
N LEU A 38 0.74 -19.97 -7.02
CA LEU A 38 1.68 -21.05 -7.06
C LEU A 38 1.08 -22.43 -6.79
N VAL A 39 -0.03 -22.58 -6.08
CA VAL A 39 -0.54 -23.92 -5.82
C VAL A 39 -1.73 -24.15 -6.73
N ALA A 40 -2.05 -23.22 -7.63
CA ALA A 40 -3.25 -23.40 -8.46
C ALA A 40 -2.90 -24.18 -9.73
N THR A 41 -3.86 -24.89 -10.22
CA THR A 41 -3.85 -25.65 -11.49
C THR A 41 -5.29 -25.61 -11.96
N PRO A 42 -5.52 -25.86 -13.24
CA PRO A 42 -6.87 -25.94 -13.77
C PRO A 42 -7.73 -26.95 -13.04
N ASP A 43 -7.27 -28.16 -12.77
CA ASP A 43 -8.02 -29.14 -11.99
C ASP A 43 -8.29 -28.76 -10.53
N VAL A 44 -7.29 -28.17 -9.88
CA VAL A 44 -7.51 -27.72 -8.49
C VAL A 44 -8.73 -26.79 -8.47
N LEU A 45 -8.74 -25.85 -9.39
CA LEU A 45 -9.72 -24.78 -9.39
C LEU A 45 -11.11 -25.31 -9.71
N ARG A 46 -11.14 -26.20 -10.68
CA ARG A 46 -12.40 -26.83 -11.08
C ARG A 46 -12.85 -27.84 -10.05
N ASP A 47 -11.98 -28.69 -9.51
CA ASP A 47 -12.49 -29.76 -8.62
C ASP A 47 -12.81 -29.23 -7.23
N ASN A 48 -12.22 -28.11 -6.79
CA ASN A 48 -12.48 -27.58 -5.47
C ASN A 48 -13.38 -26.35 -5.52
N PHE A 49 -13.82 -25.94 -6.73
CA PHE A 49 -14.79 -24.89 -6.90
C PHE A 49 -14.27 -23.54 -6.33
N ILE A 50 -12.97 -23.31 -6.48
CA ILE A 50 -12.28 -22.20 -5.81
C ILE A 50 -12.83 -20.82 -6.17
N GLY A 51 -13.01 -19.92 -5.19
CA GLY A 51 -13.63 -18.63 -5.41
C GLY A 51 -12.64 -17.52 -5.76
N SER A 52 -11.36 -17.61 -5.36
CA SER A 52 -10.45 -16.51 -5.52
C SER A 52 -9.03 -16.99 -5.56
N LEU A 53 -8.17 -16.18 -6.20
CA LEU A 53 -6.73 -16.42 -6.26
C LEU A 53 -6.00 -15.14 -5.83
N LEU A 54 -4.73 -15.26 -5.44
CA LEU A 54 -3.95 -14.04 -5.32
C LEU A 54 -2.53 -14.27 -5.81
N SER A 55 -1.80 -13.21 -6.09
CA SER A 55 -0.34 -13.18 -6.00
C SER A 55 0.09 -12.56 -4.68
N GLY A 56 0.85 -13.25 -3.85
CA GLY A 56 1.63 -12.55 -2.84
C GLY A 56 2.78 -11.71 -3.40
N GLY A 57 3.53 -11.05 -2.48
CA GLY A 57 4.46 -10.04 -3.02
C GLY A 57 5.46 -10.79 -3.88
N GLY A 58 5.84 -10.31 -5.07
CA GLY A 58 6.85 -10.97 -5.86
C GLY A 58 6.35 -12.26 -6.51
N SER A 59 5.06 -12.64 -6.42
CA SER A 59 4.58 -13.85 -7.02
C SER A 59 4.07 -13.58 -8.43
N VAL A 60 4.93 -13.77 -9.43
CA VAL A 60 4.74 -13.27 -10.80
C VAL A 60 4.94 -14.45 -11.77
N PRO A 61 4.33 -14.39 -12.95
CA PRO A 61 4.43 -15.46 -13.92
C PRO A 61 5.83 -15.66 -14.46
N ARG A 62 6.60 -14.63 -14.66
CA ARG A 62 8.03 -14.68 -14.97
C ARG A 62 8.62 -13.33 -14.55
N LYS A 63 9.91 -13.25 -14.30
CA LYS A 63 10.54 -11.93 -14.26
C LYS A 63 10.44 -11.17 -15.57
N GLY A 64 10.04 -9.89 -15.56
CA GLY A 64 10.03 -9.19 -16.87
C GLY A 64 8.74 -9.43 -17.60
N ALA A 65 7.74 -10.16 -17.08
CA ALA A 65 6.54 -10.47 -17.83
C ALA A 65 5.81 -9.24 -18.33
N THR A 66 5.39 -9.22 -19.60
CA THR A 66 4.64 -8.08 -20.15
C THR A 66 3.23 -8.16 -19.60
N ALA A 67 2.42 -7.15 -19.90
CA ALA A 67 1.07 -7.09 -19.40
C ALA A 67 0.25 -8.25 -20.01
N LYS A 68 0.53 -8.62 -21.27
CA LYS A 68 -0.20 -9.71 -21.87
C LYS A 68 0.12 -11.06 -21.27
N GLU A 69 1.35 -11.40 -20.89
CA GLU A 69 1.58 -12.58 -20.06
C GLU A 69 0.76 -12.61 -18.77
N TRP A 70 0.63 -11.47 -18.08
CA TRP A 70 -0.25 -11.45 -16.91
C TRP A 70 -1.68 -11.80 -17.28
N GLN A 71 -2.20 -11.16 -18.32
CA GLN A 71 -3.57 -11.39 -18.81
C GLN A 71 -3.80 -12.86 -19.17
N ASP A 72 -2.81 -13.45 -19.85
CA ASP A 72 -3.02 -14.85 -20.26
C ASP A 72 -2.99 -15.75 -19.03
N MET A 73 -2.13 -15.43 -18.04
CA MET A 73 -2.14 -16.19 -16.81
C MET A 73 -3.50 -16.10 -16.12
N VAL A 74 -3.99 -14.90 -15.88
CA VAL A 74 -5.31 -14.74 -15.27
C VAL A 74 -6.46 -15.34 -16.08
N ASP A 75 -6.55 -15.14 -17.38
CA ASP A 75 -7.54 -15.83 -18.20
C ASP A 75 -7.50 -17.36 -18.18
N GLY A 76 -6.35 -17.99 -18.11
CA GLY A 76 -6.23 -19.45 -18.10
C GLY A 76 -6.80 -19.98 -16.77
N PHE A 77 -6.57 -19.27 -15.65
CA PHE A 77 -7.21 -19.61 -14.40
C PHE A 77 -8.72 -19.40 -14.51
N GLN A 78 -9.16 -18.34 -15.18
CA GLN A 78 -10.56 -18.02 -15.29
C GLN A 78 -11.32 -19.04 -16.17
N LYS A 79 -10.66 -19.59 -17.19
CA LYS A 79 -11.29 -20.61 -18.01
C LYS A 79 -11.56 -21.87 -17.18
N ALA A 80 -10.67 -22.22 -16.26
CA ALA A 80 -11.00 -23.34 -15.37
C ALA A 80 -12.22 -23.06 -14.50
N CYS A 81 -12.29 -21.90 -13.85
CA CYS A 81 -13.45 -21.62 -13.01
C CYS A 81 -14.74 -21.53 -13.79
N MET A 82 -14.76 -20.94 -14.99
CA MET A 82 -15.97 -20.84 -15.79
C MET A 82 -16.41 -22.24 -16.30
N SER A 83 -15.62 -23.27 -16.24
CA SER A 83 -15.97 -24.57 -16.69
C SER A 83 -16.55 -25.44 -15.55
N THR A 84 -16.77 -24.93 -14.34
CA THR A 84 -17.39 -25.72 -13.32
C THR A 84 -18.91 -25.75 -13.60
N ARG A 85 -19.61 -26.60 -12.88
CA ARG A 85 -21.06 -26.70 -13.15
C ARG A 85 -21.80 -25.38 -13.09
N LEU A 86 -21.56 -24.49 -12.11
CA LEU A 86 -22.26 -23.23 -12.04
C LEU A 86 -21.52 -22.12 -12.78
N GLY A 87 -20.25 -22.27 -13.18
CA GLY A 87 -19.51 -21.26 -13.87
C GLY A 87 -19.38 -19.93 -13.12
N ILE A 88 -19.05 -19.93 -11.82
CA ILE A 88 -18.84 -18.72 -11.06
C ILE A 88 -17.40 -18.28 -11.29
N PRO A 89 -17.21 -17.10 -11.86
CA PRO A 89 -15.87 -16.61 -12.17
C PRO A 89 -15.07 -16.38 -10.87
N MET A 90 -13.76 -16.64 -10.88
CA MET A 90 -12.93 -16.23 -9.73
C MET A 90 -12.64 -14.75 -9.75
N ILE A 91 -12.28 -14.21 -8.61
CA ILE A 91 -11.69 -12.85 -8.53
C ILE A 91 -10.22 -12.98 -8.11
N TYR A 92 -9.33 -12.31 -8.82
CA TYR A 92 -7.91 -12.36 -8.62
C TYR A 92 -7.41 -11.12 -7.84
N GLY A 93 -6.78 -11.32 -6.69
CA GLY A 93 -6.29 -10.17 -5.93
C GLY A 93 -4.78 -9.99 -5.93
N ILE A 94 -4.31 -8.75 -5.69
CA ILE A 94 -2.90 -8.45 -5.64
C ILE A 94 -2.61 -7.25 -4.78
N ASP A 95 -1.38 -7.14 -4.24
CA ASP A 95 -1.08 -5.90 -3.49
C ASP A 95 -0.70 -4.80 -4.47
N ALA A 96 -1.63 -4.01 -4.97
CA ALA A 96 -1.34 -2.83 -5.74
C ALA A 96 -1.51 -1.60 -4.79
N VAL A 97 -0.44 -1.38 -4.05
CA VAL A 97 -0.48 -0.43 -2.95
C VAL A 97 0.36 0.82 -3.24
N HIS A 98 1.18 0.88 -4.29
CA HIS A 98 1.64 2.20 -4.72
C HIS A 98 1.85 2.16 -6.23
N GLY A 99 0.68 2.00 -6.88
CA GLY A 99 0.75 1.51 -8.27
C GLY A 99 0.67 0.00 -8.31
N GLN A 100 0.67 -0.60 -9.48
CA GLN A 100 0.60 -2.05 -9.70
C GLN A 100 1.99 -2.62 -9.48
N ASN A 101 2.47 -2.59 -8.24
CA ASN A 101 3.89 -2.55 -7.96
C ASN A 101 4.63 -3.87 -8.13
N ASN A 102 3.94 -5.01 -8.26
CA ASN A 102 4.62 -6.27 -8.54
C ASN A 102 5.11 -6.35 -9.99
N VAL A 103 4.56 -5.55 -10.89
CA VAL A 103 4.71 -5.80 -12.34
C VAL A 103 5.81 -4.91 -12.90
N TYR A 104 6.72 -5.52 -13.62
CA TYR A 104 7.76 -4.82 -14.36
C TYR A 104 7.18 -3.76 -15.26
N GLY A 105 7.69 -2.52 -15.21
CA GLY A 105 7.21 -1.51 -16.16
C GLY A 105 5.97 -0.82 -15.58
N ALA A 106 5.38 -1.22 -14.46
CA ALA A 106 4.25 -0.45 -13.91
C ALA A 106 4.74 0.89 -13.37
N THR A 107 3.98 1.95 -13.44
CA THR A 107 4.22 3.20 -12.74
C THR A 107 4.23 3.00 -11.22
N ILE A 108 5.30 3.41 -10.57
CA ILE A 108 5.47 3.30 -9.13
C ILE A 108 5.23 4.67 -8.48
N PHE A 109 4.09 4.84 -7.81
CA PHE A 109 3.78 6.03 -7.06
C PHE A 109 4.52 6.10 -5.72
N PRO A 110 4.61 7.28 -5.14
CA PRO A 110 5.05 7.47 -3.77
C PRO A 110 4.27 6.60 -2.80
N HIS A 111 4.97 6.01 -1.85
CA HIS A 111 4.24 5.35 -0.75
C HIS A 111 3.40 6.34 0.06
N ASN A 112 2.57 5.81 0.95
CA ASN A 112 1.42 6.54 1.51
C ASN A 112 1.86 7.64 2.48
N VAL A 113 2.97 7.42 3.19
CA VAL A 113 3.41 8.43 4.12
C VAL A 113 3.76 9.70 3.33
N GLY A 114 4.42 9.60 2.17
CA GLY A 114 4.65 10.80 1.34
C GLY A 114 3.36 11.36 0.81
N LEU A 115 2.35 10.56 0.43
CA LEU A 115 1.06 11.11 0.03
C LEU A 115 0.34 11.90 1.10
N GLY A 116 0.48 11.45 2.35
CA GLY A 116 0.02 12.23 3.50
C GLY A 116 0.61 13.66 3.51
N ALA A 117 1.87 13.84 3.17
CA ALA A 117 2.55 15.11 3.18
C ALA A 117 1.95 16.04 2.14
N THR A 118 1.31 15.53 1.07
CA THR A 118 0.78 16.39 0.05
C THR A 118 -0.46 17.13 0.57
N ARG A 119 -1.18 16.51 1.51
CA ARG A 119 -2.48 17.04 1.94
C ARG A 119 -3.45 17.20 0.78
N ASP A 120 -3.37 16.41 -0.28
CA ASP A 120 -4.30 16.58 -1.42
C ASP A 120 -5.06 15.30 -1.70
N PRO A 121 -6.26 15.19 -1.16
CA PRO A 121 -7.16 14.07 -1.42
C PRO A 121 -7.51 13.93 -2.88
N TYR A 122 -7.59 14.99 -3.66
CA TYR A 122 -7.91 14.92 -5.06
C TYR A 122 -6.81 14.27 -5.89
N LEU A 123 -5.55 14.59 -5.60
CA LEU A 123 -4.42 13.89 -6.18
C LEU A 123 -4.45 12.39 -5.89
N VAL A 124 -4.65 12.00 -4.64
CA VAL A 124 -4.80 10.59 -4.27
C VAL A 124 -5.96 9.91 -4.96
N LYS A 125 -7.15 10.49 -5.07
CA LYS A 125 -8.16 10.01 -5.99
C LYS A 125 -7.65 9.71 -7.41
N ARG A 126 -6.89 10.65 -8.01
CA ARG A 126 -6.35 10.49 -9.32
C ARG A 126 -5.37 9.32 -9.35
N ILE A 127 -4.55 9.17 -8.30
CA ILE A 127 -3.64 8.02 -8.28
C ILE A 127 -4.41 6.72 -8.25
N GLY A 128 -5.56 6.68 -7.54
CA GLY A 128 -6.38 5.46 -7.49
C GLY A 128 -6.89 5.15 -8.89
N GLU A 129 -7.37 6.15 -9.64
CA GLU A 129 -7.82 5.93 -11.01
C GLU A 129 -6.76 5.34 -11.94
N ALA A 130 -5.58 5.96 -11.92
CA ALA A 130 -4.47 5.44 -12.72
C ALA A 130 -4.06 4.05 -12.23
N THR A 131 -4.06 3.78 -10.94
CA THR A 131 -3.76 2.45 -10.41
C THR A 131 -4.71 1.34 -10.88
N ALA A 132 -6.01 1.55 -10.81
CA ALA A 132 -7.02 0.69 -11.37
C ALA A 132 -6.78 0.35 -12.85
N LEU A 133 -6.45 1.34 -13.69
CA LEU A 133 -6.17 1.06 -15.07
C LEU A 133 -4.96 0.15 -15.24
N GLU A 134 -3.89 0.40 -14.47
CA GLU A 134 -2.71 -0.45 -14.61
C GLU A 134 -2.97 -1.82 -13.97
N VAL A 135 -3.87 -1.90 -12.96
CA VAL A 135 -4.14 -3.28 -12.50
C VAL A 135 -4.97 -3.97 -13.56
N ARG A 136 -6.01 -3.34 -14.16
CA ARG A 136 -6.78 -3.99 -15.20
C ARG A 136 -6.00 -4.30 -16.47
N ALA A 137 -4.93 -3.55 -16.78
CA ALA A 137 -4.02 -3.87 -17.85
C ALA A 137 -3.39 -5.26 -17.70
N THR A 138 -3.20 -5.73 -16.46
CA THR A 138 -2.66 -7.06 -16.26
C THR A 138 -3.77 -8.10 -16.07
N GLY A 139 -5.04 -7.74 -16.21
CA GLY A 139 -6.12 -8.71 -16.04
C GLY A 139 -6.69 -8.84 -14.63
N ILE A 140 -6.14 -8.09 -13.66
CA ILE A 140 -6.52 -8.33 -12.25
C ILE A 140 -7.68 -7.46 -11.84
N GLN A 141 -8.57 -7.94 -10.96
CA GLN A 141 -9.82 -7.21 -10.70
C GLN A 141 -9.93 -6.65 -9.29
N TYR A 142 -8.90 -6.91 -8.48
CA TYR A 142 -9.10 -6.67 -7.05
C TYR A 142 -7.77 -6.20 -6.46
N ALA A 143 -7.72 -5.06 -5.76
CA ALA A 143 -6.46 -4.60 -5.18
C ALA A 143 -6.51 -4.63 -3.64
N PHE A 144 -5.47 -5.08 -2.96
CA PHE A 144 -5.51 -5.09 -1.50
C PHE A 144 -5.14 -3.69 -0.95
N ALA A 145 -5.96 -2.66 -1.18
CA ALA A 145 -5.54 -1.27 -0.87
C ALA A 145 -6.83 -0.50 -0.73
N PRO A 146 -6.92 0.54 0.09
CA PRO A 146 -5.80 1.12 0.80
C PRO A 146 -5.55 0.58 2.21
N CYS A 147 -4.29 0.62 2.60
CA CYS A 147 -4.00 0.49 4.05
C CYS A 147 -4.45 1.77 4.74
N ILE A 148 -5.43 1.74 5.64
CA ILE A 148 -5.82 2.94 6.38
C ILE A 148 -5.44 2.82 7.85
N ALA A 149 -4.40 2.10 8.17
CA ALA A 149 -3.79 2.13 9.49
C ALA A 149 -3.40 3.58 9.82
N VAL A 150 -3.38 3.83 11.13
CA VAL A 150 -2.98 5.13 11.66
C VAL A 150 -1.70 4.82 12.45
N CYS A 151 -0.55 4.93 11.75
CA CYS A 151 0.67 4.48 12.44
C CYS A 151 0.96 5.37 13.68
N ARG A 152 1.09 4.81 14.85
CA ARG A 152 1.28 5.68 16.04
C ARG A 152 2.70 5.62 16.56
N ASP A 153 3.57 4.83 15.99
CA ASP A 153 4.94 4.71 16.40
C ASP A 153 5.73 4.33 15.14
N PRO A 154 6.72 5.16 14.83
CA PRO A 154 7.41 5.06 13.54
C PRO A 154 8.35 3.89 13.57
N ARG A 155 8.52 3.22 14.73
CA ARG A 155 9.34 2.03 14.76
C ARG A 155 8.65 0.87 14.04
N TRP A 156 7.36 0.94 13.79
CA TRP A 156 6.72 -0.13 13.02
C TRP A 156 7.27 -0.18 11.60
N GLY A 157 7.45 -1.39 11.11
CA GLY A 157 7.96 -1.56 9.73
C GLY A 157 6.93 -1.27 8.66
N ARG A 158 5.65 -1.03 9.03
CA ARG A 158 4.69 -0.63 8.00
C ARG A 158 4.28 0.81 8.18
N CYS A 159 5.00 1.60 8.99
CA CYS A 159 4.58 3.01 9.18
C CYS A 159 4.52 3.73 7.84
N TYR A 160 5.37 3.41 6.85
CA TYR A 160 5.28 4.08 5.55
C TYR A 160 4.07 3.71 4.71
N GLU A 161 3.35 2.63 5.03
CA GLU A 161 2.04 2.39 4.42
C GLU A 161 0.95 3.19 5.07
N SER A 162 1.23 3.96 6.11
CA SER A 162 0.20 4.77 6.73
C SER A 162 0.32 6.20 6.24
N TYR A 163 -0.79 6.84 5.92
CA TYR A 163 -0.75 8.23 5.50
C TYR A 163 -0.28 9.19 6.61
N SER A 164 -0.46 8.89 7.90
CA SER A 164 -0.29 9.93 8.91
C SER A 164 -0.43 9.37 10.32
N GLU A 165 0.16 9.97 11.33
CA GLU A 165 -0.26 9.67 12.72
C GLU A 165 -1.60 10.32 13.05
N ASP A 166 -2.10 11.23 12.23
CA ASP A 166 -3.32 11.93 12.50
C ASP A 166 -4.47 11.32 11.72
N ARG A 167 -5.46 10.77 12.43
CA ARG A 167 -6.56 10.08 11.71
C ARG A 167 -7.39 10.96 10.82
N ARG A 168 -7.40 12.26 11.11
CA ARG A 168 -8.00 13.17 10.12
C ARG A 168 -7.25 13.12 8.79
N ILE A 169 -5.93 12.94 8.74
CA ILE A 169 -5.35 12.94 7.38
C ILE A 169 -5.72 11.61 6.72
N VAL A 170 -5.63 10.51 7.47
CA VAL A 170 -6.04 9.21 6.94
C VAL A 170 -7.46 9.19 6.38
N GLN A 171 -8.40 9.75 7.13
CA GLN A 171 -9.77 9.91 6.67
C GLN A 171 -9.85 10.63 5.34
N SER A 172 -9.14 11.77 5.23
CA SER A 172 -9.33 12.48 3.94
C SER A 172 -8.65 11.66 2.85
N MET A 173 -7.61 10.87 3.10
CA MET A 173 -7.02 10.06 2.04
C MET A 173 -7.85 8.81 1.71
N THR A 174 -9.00 8.51 2.34
CA THR A 174 -9.88 7.47 1.79
C THR A 174 -10.47 7.77 0.45
N GLU A 175 -10.32 8.96 -0.12
CA GLU A 175 -10.54 9.26 -1.52
C GLU A 175 -9.79 8.34 -2.48
N LEU A 176 -8.74 7.62 -2.12
CA LEU A 176 -8.22 6.53 -2.96
C LEU A 176 -9.36 5.60 -3.39
N ILE A 177 -10.29 5.21 -2.52
CA ILE A 177 -11.27 4.21 -2.82
C ILE A 177 -12.16 4.47 -4.00
N PRO A 178 -12.74 5.66 -4.18
CA PRO A 178 -13.57 5.97 -5.33
C PRO A 178 -12.69 6.20 -6.54
N GLY A 179 -11.40 6.56 -6.31
CA GLY A 179 -10.50 6.46 -7.49
C GLY A 179 -10.44 5.01 -7.98
N LEU A 180 -10.14 4.06 -7.06
CA LEU A 180 -9.96 2.68 -7.47
C LEU A 180 -11.26 2.06 -8.04
N GLN A 181 -12.40 2.36 -7.43
CA GLN A 181 -13.63 1.64 -7.62
C GLN A 181 -14.61 2.40 -8.48
N GLY A 182 -14.41 3.73 -8.57
CA GLY A 182 -15.43 4.59 -9.20
C GLY A 182 -16.29 5.27 -8.12
N ASP A 183 -16.79 6.46 -8.44
CA ASP A 183 -17.66 7.25 -7.56
C ASP A 183 -19.00 6.57 -7.33
N VAL A 184 -19.47 6.59 -6.11
CA VAL A 184 -20.74 5.95 -5.76
C VAL A 184 -21.89 6.86 -6.22
N PRO A 185 -23.06 6.20 -6.39
CA PRO A 185 -24.20 6.90 -6.98
C PRO A 185 -24.83 7.84 -5.98
N LYS A 186 -25.55 8.88 -6.41
CA LYS A 186 -26.51 9.56 -5.53
C LYS A 186 -27.43 8.63 -4.78
N ASP A 187 -27.95 7.55 -5.33
CA ASP A 187 -28.73 6.51 -4.67
C ASP A 187 -28.18 5.92 -3.37
N PHE A 188 -26.96 6.20 -2.88
CA PHE A 188 -26.06 5.15 -2.44
C PHE A 188 -26.18 4.90 -0.95
N THR A 189 -26.22 3.71 -0.44
CA THR A 189 -26.24 3.43 0.98
C THR A 189 -24.89 3.02 1.56
N SER A 190 -24.46 3.71 2.60
CA SER A 190 -23.18 3.48 3.24
C SER A 190 -23.03 2.01 3.59
N GLY A 191 -21.87 1.39 3.34
CA GLY A 191 -21.68 -0.02 3.63
C GLY A 191 -22.06 -0.94 2.47
N MET A 192 -22.76 -0.55 1.43
CA MET A 192 -22.84 -1.35 0.21
C MET A 192 -21.50 -1.36 -0.56
N PRO A 193 -21.10 -2.49 -1.12
CA PRO A 193 -19.98 -2.60 -2.01
C PRO A 193 -20.29 -1.94 -3.33
N PHE A 194 -19.33 -1.31 -3.97
CA PHE A 194 -19.59 -0.68 -5.26
C PHE A 194 -18.34 -0.78 -6.12
N VAL A 195 -18.43 -1.21 -7.38
CA VAL A 195 -17.34 -1.05 -8.33
C VAL A 195 -18.05 -0.64 -9.63
N ALA A 196 -17.55 0.27 -10.44
CA ALA A 196 -18.40 0.89 -11.46
C ALA A 196 -18.35 0.02 -12.69
N GLY A 197 -17.28 -0.73 -12.94
CA GLY A 197 -17.24 -1.60 -14.12
C GLY A 197 -15.85 -2.13 -14.44
N LYS A 198 -15.59 -2.49 -15.70
CA LYS A 198 -14.42 -3.24 -16.09
C LYS A 198 -13.15 -2.41 -16.20
N ASN A 199 -13.21 -1.11 -16.09
CA ASN A 199 -12.06 -0.25 -15.95
C ASN A 199 -11.72 0.07 -14.49
N LYS A 200 -12.42 -0.45 -13.52
CA LYS A 200 -12.23 -0.26 -12.10
C LYS A 200 -11.95 -1.59 -11.40
N VAL A 201 -11.42 -1.47 -10.16
CA VAL A 201 -11.12 -2.68 -9.42
C VAL A 201 -11.83 -2.64 -8.06
N ALA A 202 -12.11 -3.79 -7.47
CA ALA A 202 -12.57 -3.83 -6.09
C ALA A 202 -11.44 -3.40 -5.19
N ALA A 203 -11.75 -2.68 -4.15
CA ALA A 203 -10.72 -2.26 -3.19
C ALA A 203 -10.83 -3.03 -1.88
N CYS A 204 -9.94 -2.67 -0.95
CA CYS A 204 -9.84 -3.38 0.31
C CYS A 204 -9.29 -2.50 1.42
N ALA A 205 -10.12 -2.05 2.35
CA ALA A 205 -9.66 -1.28 3.52
C ALA A 205 -8.96 -2.22 4.45
N LYS A 206 -7.71 -1.95 4.86
CA LYS A 206 -7.01 -2.87 5.76
C LYS A 206 -6.10 -2.09 6.71
N HIS A 207 -5.64 -2.68 7.80
CA HIS A 207 -6.13 -3.98 8.25
C HIS A 207 -6.95 -3.81 9.53
N PHE A 208 -8.19 -4.31 9.61
CA PHE A 208 -9.15 -3.97 10.65
C PHE A 208 -8.82 -4.78 11.91
N VAL A 209 -8.59 -4.15 13.04
CA VAL A 209 -8.52 -2.70 13.24
C VAL A 209 -7.46 -2.39 14.29
N GLY A 210 -6.80 -1.21 14.21
CA GLY A 210 -5.76 -0.86 15.18
C GLY A 210 -4.41 -1.43 14.84
N ASP A 211 -4.17 -1.72 13.54
CA ASP A 211 -2.89 -2.28 13.13
C ASP A 211 -1.75 -1.29 13.39
N GLY A 212 -1.99 0.00 13.33
CA GLY A 212 -0.90 0.98 13.55
C GLY A 212 -0.77 1.40 15.02
N GLY A 213 -1.45 0.68 15.92
CA GLY A 213 -1.57 1.07 17.31
C GLY A 213 -0.73 0.14 18.17
N THR A 214 0.08 -0.76 17.65
CA THR A 214 0.65 -1.82 18.47
C THR A 214 1.78 -1.31 19.40
N VAL A 215 2.05 -2.16 20.42
CA VAL A 215 3.00 -1.77 21.45
C VAL A 215 4.41 -1.79 20.90
N ASP A 216 5.05 -0.62 21.03
CA ASP A 216 6.38 -0.35 20.52
C ASP A 216 6.52 -0.43 19.01
N GLY A 217 5.45 -0.18 18.25
CA GLY A 217 5.30 -0.57 16.87
C GLY A 217 5.78 -1.97 16.47
N ILE A 218 5.61 -2.96 17.34
CA ILE A 218 6.04 -4.31 16.96
C ILE A 218 4.97 -4.85 15.98
N ASN A 219 5.45 -5.36 14.85
CA ASN A 219 4.50 -5.72 13.77
C ASN A 219 3.61 -6.86 14.30
N GLU A 220 2.30 -6.80 14.10
CA GLU A 220 1.43 -7.97 14.29
C GLU A 220 1.09 -8.21 15.78
N ASN A 221 1.50 -7.29 16.64
CA ASN A 221 1.50 -7.55 18.11
C ASN A 221 0.21 -7.01 18.71
N ASN A 222 0.26 -6.52 19.93
CA ASN A 222 -0.89 -6.10 20.70
C ASN A 222 -1.11 -4.60 20.79
N THR A 223 -2.31 -4.20 20.43
CA THR A 223 -2.73 -2.81 20.51
C THR A 223 -3.43 -2.62 21.87
N ILE A 224 -2.75 -1.90 22.79
CA ILE A 224 -3.30 -1.69 24.13
C ILE A 224 -3.90 -0.29 24.29
N ILE A 225 -5.22 -0.28 24.28
CA ILE A 225 -5.94 0.99 24.25
C ILE A 225 -7.38 0.67 24.65
N ASN A 226 -8.06 1.64 25.18
CA ASN A 226 -9.43 1.46 25.63
C ASN A 226 -10.37 1.77 24.47
N ARG A 227 -11.62 1.34 24.62
CA ARG A 227 -12.57 1.36 23.52
C ARG A 227 -12.67 2.74 22.87
N GLU A 228 -12.70 3.79 23.69
CA GLU A 228 -12.78 5.15 23.20
C GLU A 228 -11.56 5.53 22.36
N GLY A 229 -10.36 5.17 22.76
CA GLY A 229 -9.17 5.30 21.97
C GLY A 229 -9.28 4.58 20.61
N LEU A 230 -9.65 3.29 20.65
CA LEU A 230 -9.87 2.50 19.45
C LEU A 230 -10.77 3.32 18.54
N MET A 231 -11.88 3.82 19.11
CA MET A 231 -12.94 4.34 18.27
C MET A 231 -12.62 5.74 17.77
N ASN A 232 -11.75 6.44 18.52
CA ASN A 232 -11.51 7.82 18.07
C ASN A 232 -10.21 7.90 17.29
N ILE A 233 -9.33 6.90 17.43
CA ILE A 233 -8.12 6.99 16.64
C ILE A 233 -8.17 6.04 15.46
N HIS A 234 -8.30 4.75 15.78
CA HIS A 234 -8.11 3.71 14.76
C HIS A 234 -9.30 3.40 13.91
N MET A 235 -10.50 3.79 14.31
CA MET A 235 -11.72 3.34 13.66
C MET A 235 -12.30 4.26 12.62
N PRO A 236 -12.22 5.60 12.75
CA PRO A 236 -13.05 6.51 11.99
C PRO A 236 -12.89 6.37 10.49
N ALA A 237 -11.68 6.05 10.00
CA ALA A 237 -11.44 5.94 8.56
C ALA A 237 -12.17 4.72 7.97
N TYR A 238 -12.44 3.71 8.77
CA TYR A 238 -13.39 2.66 8.32
C TYR A 238 -14.78 3.13 7.98
N LYS A 239 -15.30 4.10 8.72
CA LYS A 239 -16.64 4.62 8.44
C LYS A 239 -16.65 5.47 7.19
N ASN A 240 -15.58 6.25 6.94
CA ASN A 240 -15.46 6.92 5.64
C ASN A 240 -15.38 5.92 4.48
N ALA A 241 -14.64 4.83 4.69
CA ALA A 241 -14.64 3.72 3.71
C ALA A 241 -16.02 3.14 3.45
N MET A 242 -16.83 2.84 4.49
CA MET A 242 -18.25 2.48 4.25
C MET A 242 -18.99 3.49 3.41
N ASP A 243 -18.82 4.79 3.67
CA ASP A 243 -19.53 5.79 2.85
C ASP A 243 -19.09 5.80 1.42
N LYS A 244 -17.88 5.38 1.09
CA LYS A 244 -17.49 5.37 -0.34
C LYS A 244 -17.68 4.00 -0.95
N GLY A 245 -18.24 3.01 -0.26
CA GLY A 245 -18.64 1.79 -0.96
C GLY A 245 -17.48 0.80 -1.05
N VAL A 246 -16.54 0.81 -0.12
CA VAL A 246 -15.40 -0.06 -0.17
C VAL A 246 -15.88 -1.53 -0.23
N SER A 247 -15.29 -2.35 -1.13
CA SER A 247 -15.98 -3.60 -1.50
C SER A 247 -15.67 -4.64 -0.46
N THR A 248 -14.46 -4.58 0.13
CA THR A 248 -14.00 -5.67 0.99
C THR A 248 -13.22 -5.06 2.15
N VAL A 249 -13.14 -5.77 3.28
CA VAL A 249 -12.28 -5.34 4.38
C VAL A 249 -11.34 -6.46 4.74
N MET A 250 -10.10 -6.18 5.05
CA MET A 250 -9.12 -7.19 5.43
C MET A 250 -8.84 -7.11 6.92
N ILE A 251 -8.84 -8.24 7.65
CA ILE A 251 -8.65 -8.26 9.10
C ILE A 251 -7.18 -8.26 9.47
N SER A 252 -6.80 -7.57 10.54
CA SER A 252 -5.41 -7.46 10.94
C SER A 252 -4.83 -8.68 11.63
N TYR A 253 -3.54 -8.98 11.55
CA TYR A 253 -2.91 -9.96 12.39
C TYR A 253 -2.85 -9.60 13.89
N SER A 254 -2.95 -8.32 14.20
CA SER A 254 -2.70 -7.72 15.48
C SER A 254 -3.81 -8.05 16.48
N SER A 255 -3.54 -7.87 17.78
CA SER A 255 -4.60 -8.08 18.76
C SER A 255 -5.12 -6.77 19.33
N TRP A 256 -6.30 -6.80 19.95
CA TRP A 256 -6.76 -5.65 20.70
C TRP A 256 -6.91 -6.03 22.18
N ASN A 257 -6.05 -5.49 23.05
CA ASN A 257 -6.11 -5.81 24.47
C ASN A 257 -6.09 -7.34 24.59
N GLY A 258 -5.11 -7.98 23.94
CA GLY A 258 -4.94 -9.41 24.04
C GLY A 258 -5.94 -10.22 23.21
N VAL A 259 -6.96 -9.71 22.53
CA VAL A 259 -7.77 -10.57 21.65
C VAL A 259 -7.37 -10.44 20.18
N LYS A 260 -6.94 -11.51 19.54
CA LYS A 260 -6.75 -11.63 18.10
C LYS A 260 -7.93 -11.09 17.31
N MET A 261 -7.69 -10.10 16.44
CA MET A 261 -8.72 -9.55 15.56
C MET A 261 -9.27 -10.71 14.72
N HIS A 262 -8.49 -11.70 14.29
CA HIS A 262 -9.07 -12.74 13.45
C HIS A 262 -10.03 -13.64 14.27
N ALA A 263 -10.04 -13.59 15.60
CA ALA A 263 -11.08 -14.25 16.36
C ALA A 263 -12.01 -13.30 17.08
N ASN A 264 -12.08 -12.03 16.76
CA ASN A 264 -12.97 -11.11 17.45
C ASN A 264 -14.33 -10.94 16.83
N GLN A 265 -15.30 -11.70 17.33
CA GLN A 265 -16.68 -11.61 16.85
C GLN A 265 -17.33 -10.27 17.12
N ASP A 266 -17.06 -9.66 18.28
CA ASP A 266 -17.61 -8.37 18.65
C ASP A 266 -17.30 -7.27 17.66
N LEU A 267 -16.03 -7.20 17.31
CA LEU A 267 -15.59 -6.12 16.39
C LEU A 267 -15.97 -6.47 14.96
N VAL A 268 -15.78 -7.76 14.56
CA VAL A 268 -15.96 -8.11 13.16
C VAL A 268 -17.42 -8.22 12.77
N THR A 269 -18.20 -8.94 13.58
CA THR A 269 -19.63 -9.09 13.29
C THR A 269 -20.40 -7.96 13.99
N GLY A 270 -20.14 -7.82 15.30
CA GLY A 270 -20.98 -6.87 16.08
C GLY A 270 -20.81 -5.43 15.63
N TYR A 271 -19.57 -5.00 15.35
CA TYR A 271 -19.37 -3.62 14.91
C TYR A 271 -19.34 -3.44 13.41
N LEU A 272 -18.37 -4.09 12.71
CA LEU A 272 -18.22 -3.88 11.27
C LEU A 272 -19.46 -4.25 10.50
N LYS A 273 -19.92 -5.51 10.67
CA LYS A 273 -21.16 -5.91 9.97
C LYS A 273 -22.42 -5.36 10.59
N ASP A 274 -22.64 -5.54 11.91
CA ASP A 274 -24.01 -5.16 12.36
C ASP A 274 -24.18 -3.68 12.71
N THR A 275 -23.14 -2.91 13.04
CA THR A 275 -23.31 -1.48 13.32
C THR A 275 -22.98 -0.61 12.13
N LEU A 276 -21.78 -0.76 11.50
CA LEU A 276 -21.54 -0.04 10.24
C LEU A 276 -22.35 -0.54 9.07
N LYS A 277 -22.98 -1.73 9.19
CA LYS A 277 -23.79 -2.24 8.09
C LYS A 277 -23.02 -2.54 6.83
N PHE A 278 -21.76 -2.97 7.04
CA PHE A 278 -20.97 -3.39 5.86
C PHE A 278 -21.63 -4.60 5.15
N LYS A 279 -21.82 -4.50 3.86
CA LYS A 279 -22.40 -5.54 3.05
C LYS A 279 -21.45 -6.16 2.01
N GLY A 280 -20.18 -5.79 2.04
CA GLY A 280 -19.24 -6.54 1.21
C GLY A 280 -18.73 -7.77 1.96
N PHE A 281 -17.57 -8.30 1.58
CA PHE A 281 -17.01 -9.43 2.28
C PHE A 281 -15.74 -9.04 3.04
N VAL A 282 -15.54 -9.80 4.11
CA VAL A 282 -14.41 -9.68 5.00
C VAL A 282 -13.45 -10.84 4.73
N ILE A 283 -12.20 -10.51 4.46
CA ILE A 283 -11.20 -11.43 4.04
C ILE A 283 -10.13 -11.53 5.10
N SER A 284 -9.58 -12.69 5.39
CA SER A 284 -8.52 -12.78 6.38
C SER A 284 -7.21 -12.24 5.78
N ASP A 285 -6.14 -12.14 6.58
CA ASP A 285 -4.83 -11.87 6.04
C ASP A 285 -4.09 -13.19 5.83
N TRP A 286 -2.88 -13.10 5.30
CA TRP A 286 -2.18 -14.29 4.83
C TRP A 286 -1.81 -15.18 6.00
N GLU A 287 -2.42 -16.38 6.05
CA GLU A 287 -2.34 -17.23 7.25
C GLU A 287 -2.68 -16.48 8.54
N GLY A 288 -3.65 -15.53 8.47
CA GLY A 288 -4.13 -14.93 9.67
C GLY A 288 -4.81 -15.91 10.64
N ILE A 289 -5.59 -16.87 10.12
CA ILE A 289 -6.27 -17.76 11.08
C ILE A 289 -5.27 -18.68 11.74
N ASP A 290 -4.21 -19.11 11.04
CA ASP A 290 -3.17 -19.91 11.64
C ASP A 290 -2.54 -19.23 12.87
N ARG A 291 -2.35 -17.93 12.77
CA ARG A 291 -1.61 -17.17 13.79
C ARG A 291 -2.49 -16.83 15.01
N ILE A 292 -3.72 -17.35 15.06
CA ILE A 292 -4.62 -17.13 16.16
C ILE A 292 -4.04 -17.79 17.42
N THR A 293 -3.29 -18.84 17.25
CA THR A 293 -2.78 -19.75 18.22
C THR A 293 -1.29 -19.51 18.29
N THR A 294 -0.67 -19.87 19.42
CA THR A 294 0.80 -19.92 19.41
C THR A 294 1.24 -21.26 19.96
N PRO A 295 2.20 -21.90 19.28
CA PRO A 295 2.57 -21.55 17.93
C PRO A 295 1.49 -21.46 16.85
N ALA A 296 1.74 -20.62 15.85
CA ALA A 296 0.87 -20.46 14.67
C ALA A 296 0.60 -21.84 14.07
N GLY A 297 -0.67 -22.09 13.71
CA GLY A 297 -0.98 -23.33 13.00
C GLY A 297 -0.88 -24.59 13.84
N SER A 298 -0.99 -24.50 15.16
CA SER A 298 -0.84 -25.66 16.02
C SER A 298 -2.21 -26.26 16.35
N ASP A 299 -3.27 -25.50 16.10
CA ASP A 299 -4.60 -26.10 16.16
C ASP A 299 -5.50 -25.45 15.09
N TYR A 300 -5.26 -25.96 13.87
CA TYR A 300 -5.85 -25.37 12.69
C TYR A 300 -7.36 -25.50 12.75
N SER A 301 -7.80 -26.61 13.31
CA SER A 301 -9.23 -26.87 13.45
C SER A 301 -9.89 -25.82 14.31
N TYR A 302 -9.31 -25.46 15.45
CA TYR A 302 -9.69 -24.29 16.23
C TYR A 302 -9.61 -22.97 15.47
N SER A 303 -8.55 -22.77 14.71
CA SER A 303 -8.40 -21.55 13.89
C SER A 303 -9.56 -21.41 12.92
N VAL A 304 -9.91 -22.49 12.22
CA VAL A 304 -11.10 -22.43 11.36
C VAL A 304 -12.38 -22.15 12.12
N LYS A 305 -12.63 -22.82 13.27
CA LYS A 305 -13.86 -22.56 14.01
C LYS A 305 -13.94 -21.11 14.48
N ALA A 306 -12.88 -20.63 15.11
CA ALA A 306 -12.93 -19.29 15.75
C ALA A 306 -13.04 -18.19 14.72
N SER A 307 -12.33 -18.34 13.57
CA SER A 307 -12.42 -17.25 12.59
C SER A 307 -13.70 -17.25 11.80
N ILE A 308 -14.23 -18.42 11.40
CA ILE A 308 -15.52 -18.39 10.68
C ILE A 308 -16.62 -17.97 11.64
N LEU A 309 -16.60 -18.40 12.93
CA LEU A 309 -17.64 -17.89 13.85
C LEU A 309 -17.47 -16.43 14.23
N ALA A 310 -16.28 -15.84 14.12
CA ALA A 310 -16.12 -14.40 14.34
C ALA A 310 -16.78 -13.59 13.24
N GLY A 311 -17.00 -14.12 12.03
CA GLY A 311 -17.55 -13.31 10.96
C GLY A 311 -16.73 -13.22 9.68
N LEU A 312 -15.57 -13.84 9.59
CA LEU A 312 -14.76 -13.76 8.36
C LEU A 312 -15.50 -14.52 7.24
N ASP A 313 -15.48 -13.94 6.05
CA ASP A 313 -16.17 -14.49 4.88
C ASP A 313 -15.23 -15.25 3.97
N MET A 314 -14.02 -14.75 3.70
CA MET A 314 -13.14 -15.37 2.72
C MET A 314 -11.80 -15.59 3.38
N ILE A 315 -11.20 -16.76 3.26
CA ILE A 315 -9.97 -17.06 3.94
C ILE A 315 -8.85 -17.08 2.93
N MET A 316 -7.85 -16.23 3.13
CA MET A 316 -6.64 -16.26 2.33
C MET A 316 -5.74 -17.36 2.92
N VAL A 317 -5.78 -18.58 2.38
CA VAL A 317 -5.32 -19.73 3.12
C VAL A 317 -3.83 -19.68 3.45
N PRO A 318 -3.00 -19.47 2.43
CA PRO A 318 -3.39 -19.58 1.05
C PRO A 318 -2.81 -20.74 0.26
N ASN A 319 -2.03 -21.60 0.88
CA ASN A 319 -1.39 -22.75 0.28
C ASN A 319 -2.13 -24.06 0.53
N LYS A 320 -2.38 -24.35 1.79
CA LYS A 320 -2.98 -25.60 2.21
C LYS A 320 -4.50 -25.61 2.10
N TYR A 321 -5.05 -25.47 0.89
CA TYR A 321 -6.49 -25.34 0.76
C TYR A 321 -7.16 -26.68 1.14
N GLN A 322 -6.51 -27.80 0.92
CA GLN A 322 -7.09 -29.11 1.18
C GLN A 322 -7.44 -29.28 2.67
N GLN A 323 -6.57 -28.86 3.57
CA GLN A 323 -6.82 -28.92 5.00
C GLN A 323 -7.91 -27.95 5.40
N PHE A 324 -7.90 -26.75 4.81
CA PHE A 324 -8.90 -25.75 5.14
C PHE A 324 -10.27 -26.27 4.71
N ILE A 325 -10.39 -26.81 3.49
CA ILE A 325 -11.71 -27.24 2.97
C ILE A 325 -12.24 -28.45 3.75
N SER A 326 -11.37 -29.39 4.05
CA SER A 326 -11.73 -30.56 4.88
C SER A 326 -12.24 -30.24 6.27
N ILE A 327 -11.49 -29.36 6.98
CA ILE A 327 -11.84 -29.06 8.37
C ILE A 327 -13.16 -28.30 8.37
N LEU A 328 -13.27 -27.38 7.39
CA LEU A 328 -14.43 -26.52 7.42
C LEU A 328 -15.63 -27.41 7.08
N THR A 329 -15.60 -28.30 6.13
CA THR A 329 -16.70 -29.24 5.83
C THR A 329 -17.05 -30.11 7.06
N GLY A 330 -16.06 -30.64 7.77
CA GLY A 330 -16.24 -31.33 9.03
C GLY A 330 -17.03 -30.52 10.05
N HIS A 331 -16.70 -29.24 10.29
CA HIS A 331 -17.43 -28.50 11.31
C HIS A 331 -18.88 -28.28 10.93
N VAL A 332 -19.12 -28.00 9.61
CA VAL A 332 -20.49 -27.84 9.14
C VAL A 332 -21.26 -29.18 9.24
N ASN A 333 -20.70 -30.28 8.80
CA ASN A 333 -21.31 -31.58 8.90
C ASN A 333 -21.55 -31.99 10.37
N GLY A 334 -20.75 -31.50 11.33
CA GLY A 334 -20.95 -31.79 12.74
C GLY A 334 -21.90 -30.82 13.41
N GLY A 335 -22.39 -29.76 12.75
CA GLY A 335 -23.28 -28.83 13.42
C GLY A 335 -22.49 -27.79 14.20
N VAL A 336 -21.17 -27.80 14.23
CA VAL A 336 -20.42 -26.82 14.98
C VAL A 336 -20.46 -25.42 14.35
N ILE A 337 -20.35 -25.29 13.02
CA ILE A 337 -20.75 -24.07 12.33
C ILE A 337 -22.05 -24.26 11.58
N PRO A 338 -23.04 -23.41 11.84
CA PRO A 338 -24.34 -23.55 11.22
C PRO A 338 -24.23 -23.15 9.75
N MET A 339 -25.17 -23.61 8.94
CA MET A 339 -25.29 -23.31 7.55
C MET A 339 -25.50 -21.80 7.31
N SER A 340 -26.18 -21.10 8.21
CA SER A 340 -26.50 -19.71 7.97
C SER A 340 -25.24 -18.85 8.04
N ARG A 341 -24.19 -19.22 8.73
CA ARG A 341 -22.92 -18.48 8.75
C ARG A 341 -22.23 -18.68 7.39
N ILE A 342 -22.32 -19.89 6.81
CA ILE A 342 -21.79 -20.17 5.49
C ILE A 342 -22.54 -19.36 4.43
N ASP A 343 -23.86 -19.30 4.56
CA ASP A 343 -24.65 -18.68 3.47
C ASP A 343 -24.47 -17.16 3.48
N ASP A 344 -24.26 -16.62 4.70
CA ASP A 344 -23.93 -15.20 4.84
C ASP A 344 -22.61 -14.90 4.16
N ALA A 345 -21.56 -15.69 4.44
CA ALA A 345 -20.27 -15.50 3.82
C ALA A 345 -20.35 -15.54 2.28
N VAL A 346 -20.98 -16.60 1.77
CA VAL A 346 -21.11 -16.76 0.31
C VAL A 346 -22.00 -15.68 -0.26
N THR A 347 -23.08 -15.30 0.46
CA THR A 347 -23.89 -14.18 -0.05
C THR A 347 -23.02 -12.94 -0.30
N ARG A 348 -22.13 -12.65 0.64
CA ARG A 348 -21.32 -11.44 0.59
C ARG A 348 -20.30 -11.54 -0.55
N ILE A 349 -19.69 -12.71 -0.74
CA ILE A 349 -18.72 -12.84 -1.83
C ILE A 349 -19.40 -12.70 -3.18
N LEU A 350 -20.59 -13.31 -3.33
CA LEU A 350 -21.32 -13.22 -4.58
C LEU A 350 -21.84 -11.81 -4.85
N ARG A 351 -22.28 -11.15 -3.77
CA ARG A 351 -22.74 -9.76 -3.92
C ARG A 351 -21.68 -8.90 -4.62
N VAL A 352 -20.43 -8.95 -4.13
CA VAL A 352 -19.37 -8.16 -4.72
C VAL A 352 -19.07 -8.64 -6.13
N LYS A 353 -19.08 -9.97 -6.40
CA LYS A 353 -18.77 -10.40 -7.78
C LYS A 353 -19.83 -9.96 -8.79
N PHE A 354 -21.12 -10.03 -8.39
CA PHE A 354 -22.18 -9.63 -9.29
C PHE A 354 -22.15 -8.11 -9.47
N THR A 355 -21.91 -7.38 -8.38
CA THR A 355 -22.02 -5.91 -8.43
C THR A 355 -20.94 -5.36 -9.35
N MET A 356 -19.74 -5.92 -9.27
CA MET A 356 -18.67 -5.40 -10.13
C MET A 356 -18.77 -5.88 -11.57
N GLY A 357 -19.75 -6.69 -12.01
CA GLY A 357 -19.70 -6.98 -13.47
C GLY A 357 -18.93 -8.22 -13.84
N LEU A 358 -18.40 -8.96 -12.89
CA LEU A 358 -17.60 -10.15 -13.10
C LEU A 358 -18.28 -11.29 -13.87
N PHE A 359 -19.59 -11.48 -13.64
CA PHE A 359 -20.23 -12.59 -14.40
C PHE A 359 -20.36 -12.17 -15.86
N GLU A 360 -20.45 -10.86 -16.17
CA GLU A 360 -20.63 -10.38 -17.52
C GLU A 360 -19.29 -10.18 -18.18
N ASN A 361 -18.20 -9.91 -17.46
CA ASN A 361 -16.90 -9.68 -18.04
C ASN A 361 -15.81 -10.40 -17.26
N PRO A 362 -15.76 -11.72 -17.40
CA PRO A 362 -14.91 -12.53 -16.53
C PRO A 362 -13.46 -12.49 -17.02
N TYR A 363 -13.23 -12.07 -18.28
CA TYR A 363 -11.95 -12.21 -18.94
C TYR A 363 -11.27 -10.85 -19.16
N ALA A 364 -9.97 -10.87 -19.35
CA ALA A 364 -9.18 -9.64 -19.45
C ALA A 364 -9.46 -9.03 -20.83
N ASP A 365 -9.30 -7.73 -20.90
CA ASP A 365 -9.42 -6.93 -22.11
C ASP A 365 -8.03 -6.62 -22.64
N PRO A 366 -7.65 -7.24 -23.74
CA PRO A 366 -6.34 -7.07 -24.35
C PRO A 366 -6.06 -5.63 -24.70
N ALA A 367 -7.01 -4.78 -25.01
CA ALA A 367 -6.81 -3.38 -25.31
C ALA A 367 -6.38 -2.61 -24.07
N MET A 368 -6.47 -3.12 -22.86
CA MET A 368 -6.04 -2.37 -21.68
C MET A 368 -4.57 -2.55 -21.42
N ALA A 369 -3.91 -3.53 -22.07
CA ALA A 369 -2.50 -3.78 -21.87
C ALA A 369 -1.60 -2.54 -21.93
N GLU A 370 -1.77 -1.63 -22.86
CA GLU A 370 -1.02 -0.42 -22.97
C GLU A 370 -1.34 0.63 -21.92
N GLN A 371 -2.29 0.50 -21.02
CA GLN A 371 -2.32 1.32 -19.82
C GLN A 371 -1.09 1.10 -18.95
N LEU A 372 -0.37 0.01 -19.02
CA LEU A 372 0.66 -0.22 -18.01
C LEU A 372 1.85 0.72 -18.18
N GLY A 373 2.32 1.45 -17.17
CA GLY A 373 3.38 2.45 -17.35
C GLY A 373 2.98 3.58 -18.29
N LYS A 374 1.71 3.90 -18.54
CA LYS A 374 1.41 4.98 -19.48
C LYS A 374 2.04 6.29 -18.96
N GLN A 375 2.59 7.06 -19.91
CA GLN A 375 3.22 8.33 -19.64
C GLN A 375 2.36 9.29 -18.84
N GLU A 376 1.09 9.47 -19.15
CA GLU A 376 0.26 10.36 -18.31
C GLU A 376 0.26 9.85 -16.87
N HIS A 377 0.28 8.52 -16.61
CA HIS A 377 0.43 8.06 -15.25
C HIS A 377 1.77 8.43 -14.61
N ARG A 378 2.85 8.36 -15.36
CA ARG A 378 4.17 8.71 -14.85
C ARG A 378 4.21 10.23 -14.59
N ASP A 379 3.53 11.09 -15.39
CA ASP A 379 3.47 12.49 -15.05
C ASP A 379 2.70 12.76 -13.75
N LEU A 380 1.63 11.97 -13.51
CA LEU A 380 0.91 12.10 -12.25
C LEU A 380 1.76 11.70 -11.04
N ALA A 381 2.57 10.64 -11.17
CA ALA A 381 3.44 10.13 -10.14
C ALA A 381 4.57 11.13 -9.85
N ARG A 382 5.05 11.72 -10.95
CA ARG A 382 6.01 12.82 -10.85
C ARG A 382 5.44 14.02 -10.06
N GLU A 383 4.23 14.42 -10.40
CA GLU A 383 3.56 15.48 -9.62
C GLU A 383 3.37 15.06 -8.17
N ALA A 384 2.91 13.85 -7.86
CA ALA A 384 2.80 13.39 -6.48
C ALA A 384 4.14 13.40 -5.74
N ALA A 385 5.22 12.94 -6.42
CA ALA A 385 6.50 12.81 -5.71
C ALA A 385 6.92 14.23 -5.27
N ARG A 386 6.76 15.17 -6.20
CA ARG A 386 7.11 16.56 -6.01
C ARG A 386 6.31 17.21 -4.89
N LYS A 387 4.99 17.08 -4.82
CA LYS A 387 4.19 17.55 -3.70
C LYS A 387 4.44 16.81 -2.37
N SER A 388 5.06 15.64 -2.36
CA SER A 388 5.31 14.98 -1.08
C SER A 388 6.59 15.41 -0.37
N LEU A 389 7.54 16.06 -1.08
CA LEU A 389 8.77 16.53 -0.47
C LEU A 389 8.55 17.59 0.63
N VAL A 390 9.18 17.32 1.79
CA VAL A 390 9.14 18.31 2.84
C VAL A 390 10.51 18.94 2.99
N LEU A 391 10.60 20.25 2.77
CA LEU A 391 11.84 21.02 2.95
C LEU A 391 12.00 21.22 4.46
N LEU A 392 12.96 20.66 5.14
CA LEU A 392 13.13 20.84 6.57
C LEU A 392 14.09 22.00 6.91
N LYS A 393 15.03 22.28 6.01
CA LYS A 393 16.05 23.27 6.24
C LYS A 393 16.53 23.89 4.93
N ASN A 394 16.71 25.19 4.85
CA ASN A 394 17.15 25.85 3.65
C ASN A 394 18.18 26.95 4.00
N GLY A 395 19.35 26.61 4.51
CA GLY A 395 20.33 27.56 4.97
C GLY A 395 20.84 27.17 6.33
N LYS A 396 22.16 27.16 6.58
CA LYS A 396 22.62 26.73 7.91
C LYS A 396 22.34 27.75 8.98
N THR A 397 22.24 29.03 8.74
CA THR A 397 21.85 29.99 9.79
C THR A 397 20.73 30.82 9.17
N SER A 398 20.06 31.57 10.02
CA SER A 398 19.00 32.44 9.54
C SER A 398 19.54 33.60 8.72
N THR A 399 20.84 33.86 8.66
CA THR A 399 21.34 34.89 7.77
C THR A 399 21.96 34.35 6.48
N ASP A 400 21.99 33.03 6.28
CA ASP A 400 22.61 32.44 5.11
C ASP A 400 21.71 32.65 3.89
N ALA A 401 22.30 32.69 2.72
CA ALA A 401 21.55 32.69 1.47
C ALA A 401 20.79 31.34 1.44
N PRO A 402 19.58 31.37 0.96
CA PRO A 402 18.81 30.13 0.78
C PRO A 402 19.50 29.28 -0.24
N LEU A 403 19.85 28.01 -0.04
CA LEU A 403 20.48 27.24 -1.13
C LEU A 403 19.52 26.82 -2.25
N LEU A 404 18.29 26.49 -1.91
CA LEU A 404 17.29 26.01 -2.89
C LEU A 404 16.33 27.17 -3.14
N PRO A 405 15.93 27.34 -4.40
CA PRO A 405 16.26 26.42 -5.49
C PRO A 405 17.64 26.64 -6.06
N LEU A 406 18.24 25.62 -6.65
CA LEU A 406 19.56 25.58 -7.23
C LEU A 406 19.43 26.08 -8.67
N PRO A 407 20.45 26.81 -9.16
CA PRO A 407 20.54 27.16 -10.55
C PRO A 407 20.80 25.93 -11.42
N LYS A 408 20.19 25.91 -12.60
CA LYS A 408 20.45 24.84 -13.55
C LYS A 408 21.77 25.01 -14.32
N LYS A 409 22.31 26.24 -14.30
CA LYS A 409 23.53 26.47 -15.07
C LYS A 409 24.65 26.70 -14.07
N ALA A 410 25.62 25.82 -13.95
CA ALA A 410 26.73 26.03 -13.04
C ALA A 410 27.87 25.31 -13.71
N PRO A 411 29.10 25.77 -13.52
CA PRO A 411 30.24 25.14 -14.19
C PRO A 411 30.31 23.66 -13.87
N LYS A 412 30.01 23.22 -12.64
CA LYS A 412 30.31 21.82 -12.28
C LYS A 412 29.63 21.48 -10.96
N ILE A 413 28.94 20.32 -10.92
CA ILE A 413 28.16 20.02 -9.73
C ILE A 413 28.44 18.57 -9.34
N LEU A 414 28.26 18.22 -8.09
CA LEU A 414 28.49 16.84 -7.66
C LEU A 414 27.19 16.19 -7.27
N VAL A 415 26.94 14.98 -7.77
CA VAL A 415 25.85 14.16 -7.26
C VAL A 415 26.44 12.97 -6.51
N ALA A 416 26.12 12.83 -5.21
CA ALA A 416 26.74 11.76 -4.44
C ALA A 416 25.69 11.01 -3.64
N GLY A 417 26.13 9.89 -3.08
CA GLY A 417 25.41 9.20 -2.02
C GLY A 417 24.85 7.89 -2.56
N SER A 418 24.55 6.94 -1.69
CA SER A 418 24.14 5.61 -2.11
C SER A 418 22.72 5.60 -2.66
N HIS A 419 21.91 6.63 -2.42
CA HIS A 419 20.56 6.67 -2.94
C HIS A 419 20.46 7.55 -4.20
N ALA A 420 21.57 8.02 -4.75
CA ALA A 420 21.47 9.03 -5.82
C ALA A 420 21.13 8.30 -7.13
N ASP A 421 21.53 7.02 -7.24
CA ASP A 421 21.39 6.33 -8.51
C ASP A 421 20.96 4.89 -8.24
N ASN A 422 19.87 4.66 -7.60
CA ASN A 422 19.43 3.31 -7.19
C ASN A 422 17.92 3.33 -7.17
N LEU A 423 17.29 2.90 -8.25
CA LEU A 423 15.85 2.93 -8.43
C LEU A 423 15.15 2.13 -7.37
N GLY A 424 15.70 0.93 -7.05
CA GLY A 424 15.08 0.13 -6.00
C GLY A 424 15.08 0.79 -4.63
N TYR A 425 16.14 1.49 -4.21
CA TYR A 425 16.12 2.23 -2.93
C TYR A 425 15.07 3.31 -2.97
N GLN A 426 14.91 3.96 -4.13
CA GLN A 426 13.97 5.11 -4.21
C GLN A 426 12.52 4.67 -4.10
N CYS A 427 12.17 3.44 -4.51
CA CYS A 427 10.83 2.87 -4.44
C CYS A 427 10.53 2.19 -3.09
N GLY A 428 11.56 1.66 -2.41
CA GLY A 428 11.28 1.03 -1.13
C GLY A 428 10.57 -0.30 -1.24
N GLY A 429 9.94 -0.76 -0.16
CA GLY A 429 9.30 -2.08 -0.13
C GLY A 429 8.10 -2.20 -1.04
N TRP A 430 7.60 -3.45 -1.22
CA TRP A 430 6.44 -3.66 -2.07
C TRP A 430 6.70 -3.09 -3.48
N THR A 431 7.85 -3.43 -4.05
CA THR A 431 8.19 -2.97 -5.39
C THR A 431 8.90 -4.10 -6.11
N ILE A 432 8.29 -4.74 -7.09
CA ILE A 432 8.84 -5.91 -7.80
C ILE A 432 8.94 -7.14 -6.91
N GLU A 433 9.73 -7.13 -5.84
CA GLU A 433 9.79 -8.14 -4.82
C GLU A 433 8.92 -7.70 -3.65
N TRP A 434 8.49 -8.67 -2.82
CA TRP A 434 7.85 -8.32 -1.56
C TRP A 434 8.61 -7.29 -0.75
N GLN A 435 9.88 -7.55 -0.46
CA GLN A 435 10.75 -6.70 0.34
C GLN A 435 11.34 -5.53 -0.48
N GLY A 436 11.01 -5.34 -1.75
CA GLY A 436 11.71 -4.35 -2.57
C GLY A 436 13.10 -4.91 -2.84
N ASP A 437 13.95 -4.12 -3.48
CA ASP A 437 15.26 -4.66 -3.86
C ASP A 437 16.17 -3.49 -4.20
N THR A 438 17.41 -3.80 -4.57
CA THR A 438 18.38 -2.76 -4.90
C THR A 438 18.60 -2.69 -6.40
N GLY A 439 18.89 -1.52 -6.98
CA GLY A 439 19.40 -1.49 -8.34
C GLY A 439 18.28 -1.16 -9.31
N ARG A 440 18.46 -1.44 -10.58
CA ARG A 440 17.50 -1.06 -11.60
C ARG A 440 16.50 -2.18 -11.80
N THR A 441 15.46 -2.29 -11.01
CA THR A 441 14.54 -3.42 -10.97
C THR A 441 13.36 -3.21 -11.92
N THR A 442 13.13 -2.00 -12.43
CA THR A 442 11.93 -1.77 -13.22
C THR A 442 12.18 -0.54 -14.12
N VAL A 443 11.25 0.11 -14.76
CA VAL A 443 11.51 1.32 -15.55
C VAL A 443 11.31 2.53 -14.66
N GLY A 444 12.21 3.48 -14.65
CA GLY A 444 11.98 4.79 -14.05
C GLY A 444 13.23 5.64 -14.10
N THR A 445 13.25 6.73 -13.37
CA THR A 445 14.38 7.69 -13.43
C THR A 445 14.90 7.87 -12.01
N THR A 446 16.20 7.65 -11.84
CA THR A 446 16.83 7.86 -10.56
C THR A 446 17.07 9.35 -10.38
N ILE A 447 17.58 9.69 -9.19
CA ILE A 447 17.90 11.11 -8.92
C ILE A 447 19.00 11.62 -9.83
N LEU A 448 20.07 10.89 -10.04
CA LEU A 448 21.17 11.30 -10.91
C LEU A 448 20.67 11.51 -12.34
N GLU A 449 19.79 10.60 -12.81
CA GLU A 449 19.26 10.76 -14.18
C GLU A 449 18.36 11.99 -14.25
N ALA A 450 17.67 12.31 -13.18
CA ALA A 450 16.73 13.42 -13.13
C ALA A 450 17.58 14.71 -13.19
N VAL A 451 18.71 14.69 -12.49
CA VAL A 451 19.62 15.82 -12.50
C VAL A 451 20.21 16.06 -13.90
N LYS A 452 20.75 15.07 -14.56
CA LYS A 452 21.22 15.17 -15.93
C LYS A 452 20.18 15.66 -16.91
N ALA A 453 18.93 15.30 -16.71
CA ALA A 453 17.82 15.70 -17.54
C ALA A 453 17.39 17.13 -17.26
N ALA A 454 17.68 17.64 -16.07
CA ALA A 454 17.20 18.98 -15.74
C ALA A 454 18.27 20.04 -16.08
N VAL A 455 19.58 19.81 -16.08
CA VAL A 455 20.52 20.92 -16.07
C VAL A 455 20.81 21.44 -17.48
N ASP A 456 21.31 22.65 -17.56
CA ASP A 456 21.80 23.29 -18.77
C ASP A 456 22.87 22.40 -19.35
N PRO A 457 22.95 22.33 -20.69
CA PRO A 457 23.95 21.51 -21.34
C PRO A 457 25.36 21.90 -20.96
N SER A 458 25.66 23.14 -20.52
CA SER A 458 27.04 23.42 -20.17
C SER A 458 27.41 23.03 -18.74
N THR A 459 26.47 22.68 -17.89
CA THR A 459 26.79 22.24 -16.53
C THR A 459 27.44 20.88 -16.62
N VAL A 460 28.59 20.69 -15.99
CA VAL A 460 29.19 19.36 -15.96
C VAL A 460 28.70 18.63 -14.70
N VAL A 461 28.30 17.36 -14.83
CA VAL A 461 27.71 16.65 -13.72
C VAL A 461 28.65 15.53 -13.30
N VAL A 462 29.18 15.55 -12.09
CA VAL A 462 30.03 14.42 -11.71
C VAL A 462 29.23 13.59 -10.71
N PHE A 463 29.31 12.29 -10.85
CA PHE A 463 28.76 11.36 -9.90
C PHE A 463 29.83 10.67 -9.09
N ALA A 464 29.71 10.63 -7.78
CA ALA A 464 30.58 9.73 -7.01
C ALA A 464 29.73 9.23 -5.86
N GLU A 465 29.70 7.95 -5.65
CA GLU A 465 28.74 7.37 -4.72
C GLU A 465 29.17 7.68 -3.30
N ASN A 466 30.47 7.55 -3.07
CA ASN A 466 30.99 7.88 -1.74
C ASN A 466 32.34 8.57 -1.76
N PRO A 467 32.38 9.79 -2.25
CA PRO A 467 33.67 10.47 -2.47
C PRO A 467 34.33 10.75 -1.11
N ASP A 468 35.66 10.84 -1.04
CA ASP A 468 36.23 11.39 0.21
C ASP A 468 36.24 12.90 0.18
N ALA A 469 36.43 13.50 1.34
CA ALA A 469 36.53 14.93 1.53
C ALA A 469 37.55 15.62 0.64
N GLU A 470 38.67 14.97 0.33
CA GLU A 470 39.69 15.72 -0.45
C GLU A 470 39.24 15.81 -1.89
N PHE A 471 38.59 14.76 -2.34
CA PHE A 471 38.05 14.79 -3.71
C PHE A 471 37.04 15.93 -3.88
N VAL A 472 36.17 16.11 -2.86
CA VAL A 472 35.21 17.19 -2.90
C VAL A 472 35.89 18.54 -2.82
N LYS A 473 36.79 18.77 -1.88
CA LYS A 473 37.38 20.12 -1.85
C LYS A 473 38.29 20.40 -3.04
N SER A 474 38.87 19.42 -3.74
CA SER A 474 39.70 19.91 -4.85
C SER A 474 38.90 19.91 -6.14
N GLY A 475 37.68 19.42 -6.17
CA GLY A 475 37.01 19.28 -7.46
C GLY A 475 36.50 20.55 -8.09
N GLY A 476 36.36 21.68 -7.42
CA GLY A 476 35.84 22.90 -8.01
C GLY A 476 34.32 22.84 -8.20
N PHE A 477 33.54 22.22 -7.30
CA PHE A 477 32.09 22.12 -7.49
C PHE A 477 31.38 23.39 -7.08
N SER A 478 30.33 23.90 -7.73
CA SER A 478 29.55 24.94 -7.11
C SER A 478 28.64 24.42 -6.01
N TYR A 479 28.18 23.17 -6.09
CA TYR A 479 27.27 22.67 -5.07
C TYR A 479 27.19 21.16 -5.27
N ALA A 480 26.61 20.46 -4.30
CA ALA A 480 26.45 19.04 -4.31
C ALA A 480 24.99 18.69 -3.93
N ILE A 481 24.45 17.66 -4.59
CA ILE A 481 23.25 16.98 -4.15
C ILE A 481 23.66 15.61 -3.62
N VAL A 482 23.28 15.31 -2.38
CA VAL A 482 23.67 14.07 -1.74
C VAL A 482 22.36 13.36 -1.28
N ALA A 483 22.30 12.10 -1.64
CA ALA A 483 21.05 11.36 -1.42
C ALA A 483 21.37 10.09 -0.64
N VAL A 484 20.78 9.94 0.54
CA VAL A 484 21.08 8.80 1.38
C VAL A 484 19.81 8.30 2.07
N GLY A 485 19.82 7.22 2.84
CA GLY A 485 18.57 6.98 3.63
C GLY A 485 18.37 5.51 3.95
N GLU A 486 17.13 5.07 4.16
CA GLU A 486 16.90 3.67 4.52
C GLU A 486 16.98 2.75 3.30
N HIS A 487 17.20 1.48 3.59
CA HIS A 487 17.07 0.38 2.62
C HIS A 487 15.63 -0.13 2.59
N PRO A 488 15.26 -0.82 1.53
CA PRO A 488 13.87 -1.25 1.34
C PRO A 488 13.51 -2.28 2.41
N TYR A 489 12.32 -2.20 2.98
CA TYR A 489 11.93 -3.20 3.95
C TYR A 489 10.41 -3.29 3.85
N THR A 490 9.82 -4.36 4.31
CA THR A 490 8.38 -4.56 4.32
C THR A 490 8.02 -5.30 5.62
N GLU A 491 6.88 -4.98 6.18
CA GLU A 491 6.39 -5.76 7.35
C GLU A 491 7.46 -5.85 8.44
N THR A 492 7.66 -7.00 9.03
CA THR A 492 8.39 -7.15 10.27
C THR A 492 9.88 -6.93 10.07
N LYS A 493 10.36 -7.10 8.84
CA LYS A 493 11.73 -6.83 8.54
C LYS A 493 12.01 -5.33 8.72
N GLY A 494 11.02 -4.44 8.59
CA GLY A 494 11.22 -3.05 8.90
C GLY A 494 11.05 -2.67 10.36
N ASP A 495 10.56 -3.52 11.27
CA ASP A 495 10.46 -3.11 12.67
C ASP A 495 11.84 -2.65 13.10
N ASN A 496 11.96 -1.49 13.72
CA ASN A 496 13.33 -0.95 13.93
C ASN A 496 13.38 -0.12 15.22
N LEU A 497 14.25 -0.52 16.17
CA LEU A 497 14.22 0.15 17.47
C LEU A 497 15.19 1.34 17.52
N ASN A 498 16.18 1.40 16.64
CA ASN A 498 17.16 2.49 16.67
C ASN A 498 16.84 3.64 15.72
N LEU A 499 16.16 3.42 14.57
CA LEU A 499 15.77 4.49 13.66
C LEU A 499 16.90 5.37 13.16
N THR A 500 18.08 4.79 12.96
CA THR A 500 19.16 5.51 12.33
C THR A 500 19.48 4.89 10.96
N ILE A 501 19.91 5.68 9.99
CA ILE A 501 20.14 5.14 8.65
C ILE A 501 21.42 4.35 8.58
N PRO A 502 21.43 3.30 7.74
CA PRO A 502 22.66 2.59 7.47
C PRO A 502 23.76 3.50 6.92
N GLU A 503 25.00 3.19 7.28
CA GLU A 503 26.18 3.72 6.65
C GLU A 503 26.55 2.94 5.40
N PRO A 504 27.29 3.53 4.48
CA PRO A 504 27.55 4.97 4.54
C PRO A 504 26.29 5.76 4.29
N GLY A 505 25.96 6.70 5.15
CA GLY A 505 24.91 7.69 4.94
C GLY A 505 25.47 9.00 5.52
N LEU A 506 25.60 9.05 6.85
CA LEU A 506 26.10 10.20 7.59
C LEU A 506 27.52 10.55 7.17
N SER A 507 28.40 9.56 6.96
CA SER A 507 29.77 9.95 6.62
C SER A 507 29.88 10.47 5.19
N THR A 508 29.08 10.01 4.21
CA THR A 508 29.05 10.66 2.92
C THR A 508 28.60 12.12 3.00
N VAL A 509 27.50 12.45 3.62
CA VAL A 509 27.05 13.78 3.91
C VAL A 509 28.13 14.62 4.60
N GLN A 510 28.71 14.14 5.70
CA GLN A 510 29.80 14.85 6.34
C GLN A 510 30.95 15.08 5.38
N ALA A 511 31.48 14.14 4.64
CA ALA A 511 32.51 14.38 3.67
C ALA A 511 32.05 15.38 2.62
N VAL A 512 30.85 15.26 2.04
CA VAL A 512 30.52 16.04 0.87
C VAL A 512 30.34 17.48 1.32
N CYS A 513 29.54 17.63 2.40
CA CYS A 513 29.08 18.92 2.88
C CYS A 513 30.22 19.69 3.56
N GLY A 514 31.26 18.97 4.04
CA GLY A 514 32.37 19.69 4.65
C GLY A 514 33.18 20.40 3.58
N GLY A 515 33.12 20.05 2.31
CA GLY A 515 33.92 20.62 1.25
C GLY A 515 33.14 21.57 0.36
N VAL A 516 31.79 21.47 0.33
CA VAL A 516 31.01 22.29 -0.60
C VAL A 516 29.59 22.40 -0.12
N ARG A 517 28.91 23.49 -0.41
CA ARG A 517 27.53 23.65 0.00
C ARG A 517 26.65 22.56 -0.62
N CYS A 518 25.77 21.99 0.18
CA CYS A 518 25.12 20.71 -0.17
C CYS A 518 23.62 20.73 0.16
N ALA A 519 22.85 20.15 -0.75
CA ALA A 519 21.46 19.83 -0.52
C ALA A 519 21.37 18.32 -0.24
N THR A 520 20.88 17.95 0.95
CA THR A 520 20.79 16.54 1.32
C THR A 520 19.36 16.04 1.10
N VAL A 521 19.22 15.01 0.26
CA VAL A 521 17.89 14.47 0.00
C VAL A 521 17.75 13.17 0.80
N LEU A 522 16.86 13.13 1.76
CA LEU A 522 16.76 11.90 2.62
C LEU A 522 15.61 11.05 2.13
N ILE A 523 15.89 9.83 1.72
CA ILE A 523 14.88 8.84 1.36
C ILE A 523 14.60 7.95 2.58
N SER A 524 13.41 7.94 3.16
CA SER A 524 13.13 7.02 4.24
C SER A 524 11.65 6.69 4.28
N GLY A 525 11.22 5.66 5.05
CA GLY A 525 9.80 5.32 5.13
C GLY A 525 9.14 6.02 6.31
N ARG A 526 9.87 6.81 7.07
CA ARG A 526 9.46 7.43 8.33
C ARG A 526 10.57 8.41 8.75
N PRO A 527 10.31 9.20 9.78
CA PRO A 527 11.33 9.99 10.46
C PRO A 527 12.39 9.10 11.04
N VAL A 528 13.61 9.53 10.97
CA VAL A 528 14.78 8.80 11.46
C VAL A 528 15.62 9.78 12.28
N VAL A 529 16.59 9.26 13.03
CA VAL A 529 17.40 10.24 13.81
C VAL A 529 18.08 11.18 12.80
N VAL A 530 17.85 12.47 12.93
CA VAL A 530 18.19 13.39 11.87
C VAL A 530 19.19 14.47 12.26
N GLN A 531 19.51 14.67 13.52
CA GLN A 531 20.23 15.86 13.99
C GLN A 531 21.59 16.00 13.33
N PRO A 532 22.37 14.94 13.27
CA PRO A 532 23.68 15.00 12.65
C PRO A 532 23.62 15.31 11.14
N LEU A 533 22.63 14.78 10.42
CA LEU A 533 22.42 15.11 9.01
C LEU A 533 22.05 16.58 8.87
N LEU A 534 21.19 17.07 9.75
CA LEU A 534 20.79 18.47 9.78
C LEU A 534 21.97 19.41 10.01
N ALA A 535 22.83 19.05 10.97
CA ALA A 535 23.92 19.91 11.34
C ALA A 535 24.91 20.01 10.18
N ALA A 536 25.13 19.00 9.38
CA ALA A 536 26.17 19.07 8.34
C ALA A 536 25.62 19.80 7.10
N SER A 537 24.31 19.81 6.89
CA SER A 537 23.75 20.11 5.56
C SER A 537 23.39 21.60 5.48
N ASP A 538 23.58 22.25 4.34
CA ASP A 538 22.96 23.53 4.11
C ASP A 538 21.44 23.42 3.90
N ALA A 539 21.01 22.46 3.10
CA ALA A 539 19.57 22.21 2.91
C ALA A 539 19.33 20.71 3.06
N LEU A 540 18.15 20.40 3.58
CA LEU A 540 17.80 19.00 3.82
C LEU A 540 16.31 18.85 3.47
N VAL A 541 16.03 17.87 2.64
CA VAL A 541 14.68 17.63 2.09
C VAL A 541 14.31 16.17 2.45
N ALA A 542 13.19 15.99 3.14
CA ALA A 542 12.62 14.66 3.33
C ALA A 542 11.77 14.30 2.08
N ALA A 543 12.29 13.32 1.37
CA ALA A 543 11.70 12.86 0.12
C ALA A 543 10.88 11.58 0.30
N TRP A 544 10.87 10.99 1.48
CA TRP A 544 10.08 9.77 1.75
C TRP A 544 10.49 8.70 0.75
N LEU A 545 9.56 7.99 0.12
CA LEU A 545 9.87 6.93 -0.80
C LEU A 545 9.14 7.24 -2.11
N PRO A 546 9.74 8.06 -2.94
CA PRO A 546 8.99 8.79 -3.96
C PRO A 546 8.64 7.93 -5.16
N GLY A 547 9.23 6.76 -5.37
CA GLY A 547 8.78 5.81 -6.37
C GLY A 547 9.55 5.97 -7.69
N SER A 548 8.94 5.61 -8.84
CA SER A 548 9.75 5.43 -10.04
C SER A 548 10.14 6.77 -10.69
N GLU A 549 9.45 7.87 -10.41
CA GLU A 549 9.61 9.07 -11.19
C GLU A 549 10.48 10.07 -10.39
N GLY A 550 11.81 9.88 -10.51
CA GLY A 550 12.70 10.74 -9.73
C GLY A 550 12.76 12.19 -10.21
N GLN A 551 12.29 12.52 -11.39
CA GLN A 551 12.20 13.94 -11.79
C GLN A 551 11.22 14.75 -10.94
N GLY A 552 10.33 14.14 -10.14
CA GLY A 552 9.61 14.88 -9.12
C GLY A 552 10.54 15.49 -8.08
N VAL A 553 11.68 14.88 -7.79
CA VAL A 553 12.59 15.44 -6.79
C VAL A 553 13.29 16.69 -7.35
N THR A 554 13.79 16.58 -8.59
CA THR A 554 14.52 17.70 -9.20
C THR A 554 13.63 18.85 -9.65
N ASP A 555 12.34 18.63 -9.98
CA ASP A 555 11.39 19.68 -10.18
C ASP A 555 11.38 20.73 -9.07
N ALA A 556 11.39 20.34 -7.81
CA ALA A 556 11.48 21.22 -6.68
C ALA A 556 12.93 21.66 -6.41
N LEU A 557 13.93 20.82 -6.65
CA LEU A 557 15.29 21.24 -6.26
C LEU A 557 15.73 22.42 -7.13
N PHE A 558 15.31 22.42 -8.40
CA PHE A 558 15.85 23.38 -9.33
C PHE A 558 14.80 24.46 -9.55
N GLY A 559 13.70 24.45 -8.82
CA GLY A 559 12.83 25.61 -8.82
C GLY A 559 11.83 25.68 -9.94
N ASP A 560 11.55 24.62 -10.72
CA ASP A 560 10.36 24.69 -11.55
C ASP A 560 9.10 24.77 -10.73
N PHE A 561 9.01 24.17 -9.55
CA PHE A 561 7.84 24.30 -8.71
C PHE A 561 8.34 24.66 -7.32
N GLY A 562 7.50 25.22 -6.46
CA GLY A 562 7.92 25.53 -5.10
C GLY A 562 7.72 24.27 -4.24
N PHE A 563 8.38 24.16 -3.09
CA PHE A 563 8.03 23.14 -2.12
C PHE A 563 6.77 23.46 -1.34
N THR A 564 5.86 22.54 -1.13
CA THR A 564 4.56 22.80 -0.50
C THR A 564 4.27 21.69 0.51
N GLY A 565 5.10 20.67 0.60
CA GLY A 565 4.79 19.43 1.34
C GLY A 565 4.87 19.79 2.83
N ARG A 566 4.13 19.12 3.69
CA ARG A 566 4.16 19.28 5.11
C ARG A 566 4.23 17.93 5.86
N LEU A 567 4.89 17.96 7.00
CA LEU A 567 5.07 16.70 7.72
C LEU A 567 3.68 16.14 8.01
N PRO A 568 3.53 14.84 7.70
CA PRO A 568 2.29 14.11 7.94
C PRO A 568 2.45 13.36 9.26
N ARG A 569 3.66 13.42 9.84
CA ARG A 569 3.99 12.82 11.12
C ARG A 569 4.83 13.82 11.93
N THR A 570 4.96 13.55 13.22
CA THR A 570 5.82 14.23 14.15
C THR A 570 7.25 13.78 13.91
N TRP A 571 8.20 14.73 13.90
CA TRP A 571 9.60 14.26 13.88
C TRP A 571 10.14 14.31 15.31
N PHE A 572 10.49 13.21 15.93
CA PHE A 572 11.04 13.14 17.27
C PHE A 572 12.48 13.69 17.38
N LYS A 573 12.89 13.94 18.62
CA LYS A 573 14.28 14.26 18.93
C LYS A 573 15.05 12.98 19.19
N SER A 574 14.41 12.06 19.91
CA SER A 574 15.13 10.80 20.13
C SER A 574 14.16 9.63 20.22
N VAL A 575 14.67 8.41 20.00
CA VAL A 575 13.76 7.26 20.07
C VAL A 575 13.30 6.99 21.50
N ASP A 576 13.95 7.46 22.56
CA ASP A 576 13.33 7.38 23.87
C ASP A 576 12.14 8.29 24.08
N GLN A 577 11.82 9.25 23.20
CA GLN A 577 10.50 9.85 23.42
C GLN A 577 9.37 8.91 23.00
N LEU A 578 9.53 7.79 22.32
CA LEU A 578 8.37 7.29 21.52
C LEU A 578 7.55 6.35 22.39
N PRO A 579 6.24 6.26 22.24
CA PRO A 579 5.53 6.95 21.16
C PRO A 579 5.27 8.40 21.54
N MET A 580 5.26 9.32 20.59
CA MET A 580 4.90 10.69 20.89
C MET A 580 4.08 11.23 19.75
N ASN A 581 2.81 11.55 20.00
CA ASN A 581 1.96 11.97 18.88
C ASN A 581 1.31 13.31 19.17
N VAL A 582 0.98 14.09 18.16
CA VAL A 582 0.23 15.33 18.41
C VAL A 582 -0.78 15.03 19.52
N GLY A 583 -0.84 15.84 20.56
CA GLY A 583 -1.86 15.67 21.58
C GLY A 583 -1.22 15.17 22.86
N ASP A 584 -0.13 14.42 22.76
CA ASP A 584 0.40 13.81 23.98
C ASP A 584 0.83 14.88 24.99
N ALA A 585 1.07 14.39 26.21
CA ALA A 585 1.55 15.18 27.32
C ALA A 585 3.01 15.53 27.19
N HIS A 586 3.84 14.54 26.85
CA HIS A 586 5.29 14.79 26.73
C HIS A 586 5.68 15.39 25.36
N TYR A 587 4.75 16.01 24.63
CA TYR A 587 4.99 16.46 23.29
C TYR A 587 6.16 17.45 23.20
N ASP A 588 7.31 16.95 22.78
CA ASP A 588 8.50 17.75 22.57
C ASP A 588 9.26 17.33 21.30
N PRO A 589 8.79 17.78 20.16
CA PRO A 589 9.25 17.27 18.86
C PRO A 589 10.44 18.08 18.35
N LEU A 590 11.26 17.54 17.48
CA LEU A 590 12.21 18.30 16.66
C LEU A 590 11.46 19.10 15.64
N PHE A 591 10.46 18.49 14.98
CA PHE A 591 9.57 19.26 14.10
C PHE A 591 8.18 18.71 14.33
N ARG A 592 7.21 19.56 14.49
CA ARG A 592 5.83 19.28 14.76
C ARG A 592 5.18 18.71 13.48
N LEU A 593 4.24 17.79 13.65
CA LEU A 593 3.22 17.58 12.66
C LEU A 593 2.88 18.88 11.95
N GLY A 594 2.89 18.92 10.62
CA GLY A 594 2.39 20.10 9.90
C GLY A 594 3.51 21.03 9.44
N TYR A 595 4.72 20.87 9.93
CA TYR A 595 5.86 21.71 9.54
C TYR A 595 6.28 21.39 8.10
N GLY A 596 6.59 22.39 7.30
CA GLY A 596 7.50 22.30 6.17
C GLY A 596 7.84 23.71 5.72
N LEU A 597 9.05 24.02 5.31
CA LEU A 597 9.34 25.31 4.67
C LEU A 597 8.87 25.28 3.22
N THR A 598 8.63 26.41 2.61
CA THR A 598 8.26 26.54 1.23
C THR A 598 9.30 27.28 0.43
N THR A 599 9.18 27.23 -0.91
CA THR A 599 9.99 28.09 -1.77
C THR A 599 9.03 28.60 -2.82
N ASN A 600 9.44 29.53 -3.65
CA ASN A 600 8.62 29.82 -4.84
C ASN A 600 9.37 29.33 -6.08
N ALA A 601 8.60 28.92 -7.09
CA ALA A 601 9.20 28.67 -8.40
C ALA A 601 10.01 29.86 -8.89
N THR A 602 11.10 29.63 -9.59
CA THR A 602 11.75 30.68 -10.39
C THR A 602 11.01 30.96 -11.68
C1 NAG B . 18.90 -0.44 13.61
C2 NAG B . 20.29 -1.01 13.40
C3 NAG B . 20.42 -1.63 12.03
C4 NAG B . 19.40 -2.80 11.95
C5 NAG B . 18.00 -2.37 12.44
C6 NAG B . 17.29 -3.63 12.97
C7 NAG B . 22.04 0.26 14.65
C8 NAG B . 22.79 1.55 14.72
N2 NAG B . 21.25 0.11 13.55
O3 NAG B . 21.68 -2.18 11.68
O4 NAG B . 19.31 -3.22 10.58
O5 NAG B . 17.98 -1.54 13.57
O6 NAG B . 16.42 -4.07 12.00
O7 NAG B . 22.10 -0.56 15.45
C1 NAG B . 19.18 -4.54 10.32
C2 NAG B . 19.00 -4.72 8.81
C3 NAG B . 19.07 -6.16 8.35
C4 NAG B . 20.28 -6.86 8.97
C5 NAG B . 20.40 -6.59 10.50
C6 NAG B . 21.76 -7.15 10.94
C7 NAG B . 17.56 -3.23 7.44
C8 NAG B . 16.15 -3.04 6.97
N2 NAG B . 17.68 -4.19 8.39
O3 NAG B . 19.27 -6.20 6.93
O4 NAG B . 20.22 -8.29 8.75
O5 NAG B . 20.42 -5.19 10.67
O6 NAG B . 22.07 -6.88 12.24
O7 NAG B . 18.44 -2.62 7.03
C1 MAN B . 21.35 -8.80 8.16
C2 MAN B . 21.40 -10.32 8.48
C3 MAN B . 22.40 -10.97 7.54
C4 MAN B . 22.21 -10.57 6.09
C5 MAN B . 22.34 -9.02 6.03
C6 MAN B . 22.32 -8.45 4.63
O2 MAN B . 20.13 -10.95 8.48
O3 MAN B . 22.37 -12.40 7.65
O4 MAN B . 23.19 -11.16 5.25
O5 MAN B . 21.21 -8.52 6.77
O6 MAN B . 21.85 -7.14 4.71
C1 MAN B . 21.79 -6.46 3.55
C2 MAN B . 21.72 -4.92 3.88
C3 MAN B . 20.37 -4.60 4.53
C4 MAN B . 19.23 -5.03 3.61
C5 MAN B . 19.37 -6.57 3.51
C6 MAN B . 18.31 -7.33 2.74
O2 MAN B . 21.95 -4.15 2.73
O3 MAN B . 20.19 -3.25 4.90
O4 MAN B . 18.00 -4.59 4.11
O5 MAN B . 20.63 -6.83 2.86
O6 MAN B . 18.19 -6.63 1.53
C1 NAG B . 23.24 -3.88 2.43
C2 NAG B . 23.26 -3.27 1.03
C3 NAG B . 24.68 -2.86 0.69
C4 NAG B . 25.10 -1.77 1.71
C5 NAG B . 25.00 -2.35 3.13
C6 NAG B . 25.30 -1.28 4.18
C7 NAG B . 21.35 -4.26 -0.25
C8 NAG B . 20.98 -5.56 -0.89
N2 NAG B . 22.67 -4.18 0.03
O3 NAG B . 24.79 -2.39 -0.64
O4 NAG B . 26.44 -1.32 1.50
O5 NAG B . 23.70 -2.85 3.33
O6 NAG B . 24.78 -0.02 3.97
O7 NAG B . 20.62 -3.43 -0.01
C1 FCA B . 22.53 -1.40 11.11
C2 FCA B . 23.95 -1.88 11.42
C3 FCA B . 24.29 -3.20 10.74
C4 FCA B . 23.98 -3.24 9.27
C5 FCA B . 22.59 -2.69 8.98
C6 FCA B . 22.33 -2.39 7.51
O2 FCA B . 24.04 -1.93 12.86
O3 FCA B . 25.69 -3.50 10.97
O4 FCA B . 25.00 -2.54 8.52
O5 FCA B . 22.40 -1.43 9.72
C1 NAG C . 4.16 -9.41 21.03
C2 NAG C . 3.38 -10.71 21.04
C3 NAG C . 3.83 -11.61 22.17
C4 NAG C . 5.29 -11.95 21.84
C5 NAG C . 6.09 -10.63 21.82
C6 NAG C . 7.51 -10.91 21.32
C7 NAG C . 1.02 -10.62 20.29
C8 NAG C . -0.38 -10.29 20.69
N2 NAG C . 1.93 -10.41 21.26
O3 NAG C . 3.03 -12.78 22.28
O4 NAG C . 5.84 -12.82 22.85
O5 NAG C . 5.57 -9.67 20.93
O6 NAG C . 8.20 -9.70 21.44
O7 NAG C . 1.35 -11.00 19.26
C1 GLC D . 0.38 -9.89 4.29
C2 GLC D . 0.01 -8.39 4.55
C3 GLC D . -1.21 -7.90 3.82
C4 GLC D . -1.15 -8.24 2.34
C5 GLC D . -1.10 -9.80 2.26
C6 GLC D . -1.13 -10.25 0.79
O2 GLC D . -0.30 -8.22 5.95
O3 GLC D . -1.25 -6.47 3.76
O4 GLC D . -2.35 -7.93 1.51
O5 GLC D . 0.15 -10.11 2.85
O6 GLC D . 0.31 -10.38 0.21
#